data_1TBR
#
_entry.id   1TBR
#
_cell.length_a   114.735
_cell.length_b   112.297
_cell.length_c   92.069
_cell.angle_alpha   90.00
_cell.angle_beta   94.97
_cell.angle_gamma   90.00
#
_symmetry.space_group_name_H-M   'C 1 2 1'
#
loop_
_entity.id
_entity.type
_entity.pdbx_description
1 polymer THROMBIN
2 polymer THROMBIN
3 polymer RHODNIIN
4 water water
#
loop_
_entity_poly.entity_id
_entity_poly.type
_entity_poly.pdbx_seq_one_letter_code
_entity_poly.pdbx_strand_id
1 'polypeptide(L)' TSEDHFQPFFNEKTFGAGEADCGLRPLFEKKQVQDQTEKELFESYIEGR L,J
2 'polypeptide(L)'
;IVEGQDAEVGLSPWQVMLFRKSPQELLCGASLISDRWVLTAAHCLLYPPWDKNFTVDDLLVRIGKHSRTRYERKVEKISM
LDKIYIHPRYNWKENLDRDIALLKLKRPIELSDYIHPVCLPDKQTAAKLLHAGFKGRVTGWGNRRETWTTSVAEVQPSVL
QVVNLPLVERPVCKASTRIRITDNMFCAGYKPGEGKRGDACEGDSGGPFVMKSPYNNRWYQMGIVSWGEGCDRDGKYGFY
THVFRLKKWIQKVIDRLGS
;
H,K
3 'polypeptide(L)'
;EGGEPCACPHALHRVCGSDGETYSNPCTLNCAKFNGKPELVKVHDGPCEPDEDEDVCQECDGDEYKPVCGSDDITYDNNC
RLECASISSSPGVELKHEGPCRT
;
R,S
#
# COMPACT_ATOMS: atom_id res chain seq x y z
N THR A 1 33.80 -5.26 26.54
CA THR A 1 32.74 -6.22 26.14
C THR A 1 32.85 -6.52 24.65
N SER A 2 32.19 -5.71 23.82
CA SER A 2 32.24 -5.91 22.38
C SER A 2 33.52 -5.29 21.82
N GLU A 3 33.70 -5.39 20.51
CA GLU A 3 34.87 -4.85 19.84
C GLU A 3 34.52 -3.73 18.87
N ASP A 4 33.82 -4.10 17.79
CA ASP A 4 33.42 -3.14 16.77
C ASP A 4 32.22 -2.29 17.17
N HIS A 5 31.04 -2.90 17.23
CA HIS A 5 29.82 -2.19 17.58
C HIS A 5 28.82 -3.14 18.23
N PHE A 6 27.56 -2.72 18.25
CA PHE A 6 26.46 -3.50 18.81
C PHE A 6 26.01 -4.52 17.75
N GLN A 7 24.99 -5.32 18.07
CA GLN A 7 24.48 -6.37 17.19
C GLN A 7 23.34 -6.03 16.20
N PRO A 8 23.68 -5.54 14.98
CA PRO A 8 22.65 -5.20 13.99
C PRO A 8 22.14 -6.46 13.25
N PHE A 9 21.04 -7.01 13.76
CA PHE A 9 20.40 -8.24 13.27
C PHE A 9 19.59 -8.20 11.97
N PHE A 10 18.84 -7.11 11.78
CA PHE A 10 17.99 -6.97 10.60
C PHE A 10 18.57 -6.14 9.47
N ASN A 11 18.08 -6.42 8.26
CA ASN A 11 18.52 -5.72 7.07
C ASN A 11 17.83 -4.37 6.96
N GLU A 12 18.63 -3.31 6.90
CA GLU A 12 18.13 -1.94 6.83
C GLU A 12 17.11 -1.69 5.72
N LYS A 13 17.22 -2.45 4.63
CA LYS A 13 16.29 -2.29 3.50
C LYS A 13 14.87 -2.69 3.86
N THR A 14 14.73 -3.76 4.65
CA THR A 14 13.42 -4.26 5.07
C THR A 14 12.99 -3.77 6.44
N PHE A 15 13.96 -3.71 7.36
CA PHE A 15 13.75 -3.28 8.74
C PHE A 15 13.49 -1.78 8.84
N GLY A 16 14.33 -1.02 8.15
CA GLY A 16 14.24 0.42 8.17
C GLY A 16 15.41 0.88 9.01
N ALA A 17 15.37 2.12 9.47
CA ALA A 17 16.46 2.63 10.30
C ALA A 17 16.14 2.59 11.79
N GLY A 18 17.18 2.68 12.61
CA GLY A 18 16.99 2.68 14.05
C GLY A 18 17.90 1.74 14.82
N GLU A 19 17.88 0.46 14.45
CA GLU A 19 18.65 -0.59 15.11
C GLU A 19 20.01 -0.24 15.70
N ALA A 20 20.88 0.35 14.90
CA ALA A 20 22.22 0.70 15.37
C ALA A 20 22.30 1.57 16.62
N ASP A 21 21.35 2.49 16.76
CA ASP A 21 21.32 3.42 17.88
C ASP A 21 20.26 3.03 18.91
N CYS A 22 19.65 1.87 18.72
CA CYS A 22 18.58 1.41 19.59
C CYS A 22 18.88 1.34 21.08
N GLY A 23 17.85 1.55 21.90
CA GLY A 23 18.04 1.45 23.32
C GLY A 23 18.70 2.59 24.06
N LEU A 24 19.22 3.57 23.33
CA LEU A 24 19.87 4.75 23.94
C LEU A 24 18.90 5.93 23.92
N ARG A 25 18.21 6.18 25.02
CA ARG A 25 17.27 7.29 25.07
C ARG A 25 17.99 8.62 24.91
N PRO A 26 17.51 9.47 24.00
CA PRO A 26 18.14 10.78 23.77
C PRO A 26 18.13 11.73 24.97
N LEU A 27 17.12 11.64 25.83
CA LEU A 27 17.06 12.51 26.98
C LEU A 27 17.71 11.94 28.23
N PHE A 28 18.32 10.76 28.11
CA PHE A 28 18.93 10.13 29.28
C PHE A 28 20.33 9.54 29.02
N GLU A 29 20.37 8.39 28.35
CA GLU A 29 21.63 7.71 28.03
C GLU A 29 22.53 8.65 27.28
N LYS A 30 22.00 9.25 26.21
CA LYS A 30 22.75 10.17 25.37
C LYS A 30 23.31 11.43 26.10
N LYS A 31 22.70 11.81 27.23
CA LYS A 31 23.14 12.99 27.97
C LYS A 31 23.72 12.65 29.33
N GLN A 32 24.04 11.37 29.54
CA GLN A 32 24.61 10.92 30.80
C GLN A 32 23.69 11.10 31.96
N VAL A 33 22.39 11.10 31.73
CA VAL A 33 21.44 11.28 32.81
C VAL A 33 20.71 9.96 33.13
N GLN A 34 20.35 9.79 34.40
CA GLN A 34 19.68 8.58 34.88
C GLN A 34 18.24 8.83 35.29
N ASP A 35 17.33 7.93 34.94
CA ASP A 35 15.99 8.17 35.41
C ASP A 35 15.86 7.85 36.90
N GLN A 36 14.80 8.33 37.52
CA GLN A 36 14.57 8.15 38.94
C GLN A 36 14.62 6.75 39.51
N THR A 37 14.45 5.73 38.67
CA THR A 37 14.43 4.36 39.17
C THR A 37 15.41 3.37 38.57
N GLU A 38 16.31 3.82 37.69
CA GLU A 38 17.29 2.93 37.09
C GLU A 38 18.07 2.09 38.11
N LYS A 39 18.61 2.75 39.12
CA LYS A 39 19.39 2.11 40.18
C LYS A 39 18.72 0.83 40.67
N GLU A 40 17.44 0.94 41.01
CA GLU A 40 16.68 -0.20 41.48
C GLU A 40 16.81 -1.43 40.56
N LEU A 41 16.98 -1.22 39.26
CA LEU A 41 17.13 -2.33 38.33
C LEU A 41 18.54 -2.91 38.40
N PHE A 42 19.55 -2.05 38.33
CA PHE A 42 20.94 -2.50 38.38
C PHE A 42 21.26 -3.24 39.66
N GLU A 43 20.71 -2.76 40.75
CA GLU A 43 20.93 -3.39 42.03
C GLU A 43 20.46 -4.82 41.99
N SER A 44 19.30 -5.08 41.40
CA SER A 44 18.77 -6.45 41.33
C SER A 44 19.69 -7.42 40.58
N TYR A 45 20.63 -6.88 39.80
CA TYR A 45 21.59 -7.71 39.06
C TYR A 45 22.71 -8.17 39.99
N ILE A 46 22.82 -7.49 41.14
CA ILE A 46 23.86 -7.76 42.13
C ILE A 46 23.27 -8.35 43.42
N GLU A 47 22.02 -8.00 43.71
CA GLU A 47 21.31 -8.47 44.92
C GLU A 47 21.38 -9.97 45.16
N GLY A 48 21.06 -10.77 44.14
CA GLY A 48 21.08 -12.23 44.29
C GLY A 48 19.98 -12.83 45.17
N ARG A 49 20.10 -12.62 46.49
CA ARG A 49 19.15 -13.11 47.50
C ARG A 49 19.38 -14.57 47.90
N ILE B 1 -1.67 -0.03 34.84
CA ILE B 1 -0.50 -0.29 35.71
C ILE B 1 -0.91 0.03 37.13
N VAL B 2 -0.82 -0.98 38.00
CA VAL B 2 -1.20 -0.83 39.40
C VAL B 2 0.01 -0.60 40.25
N GLU B 3 -0.12 0.26 41.24
CA GLU B 3 0.97 0.60 42.15
C GLU B 3 2.22 1.09 41.40
N GLY B 4 2.00 1.93 40.39
CA GLY B 4 3.10 2.48 39.62
C GLY B 4 3.30 3.95 39.93
N GLN B 5 4.20 4.61 39.22
CA GLN B 5 4.45 6.03 39.45
C GLN B 5 4.50 6.71 38.08
N ASP B 6 4.21 8.01 38.03
CA ASP B 6 4.23 8.75 36.76
C ASP B 6 5.60 8.73 36.15
N ALA B 7 5.64 8.47 34.85
CA ALA B 7 6.89 8.43 34.13
C ALA B 7 7.43 9.84 33.89
N GLU B 8 8.73 9.93 33.69
CA GLU B 8 9.38 11.19 33.37
C GLU B 8 9.21 11.34 31.87
N VAL B 9 9.26 12.57 31.37
CA VAL B 9 9.08 12.82 29.95
C VAL B 9 10.21 12.14 29.18
N GLY B 10 9.85 11.41 28.13
CA GLY B 10 10.87 10.74 27.32
C GLY B 10 11.58 9.59 28.01
N LEU B 11 10.92 8.97 28.99
CA LEU B 11 11.45 7.82 29.75
C LEU B 11 11.43 6.60 28.88
N SER B 12 10.43 6.52 28.00
CA SER B 12 10.24 5.39 27.11
C SER B 12 9.97 5.85 25.68
N PRO B 13 11.01 6.27 24.97
CA PRO B 13 10.91 6.75 23.60
C PRO B 13 10.25 5.79 22.63
N TRP B 14 10.08 4.54 23.03
CA TRP B 14 9.51 3.50 22.17
C TRP B 14 8.08 3.13 22.48
N GLN B 15 7.51 3.73 23.51
CA GLN B 15 6.14 3.42 23.86
C GLN B 15 5.21 3.94 22.76
N VAL B 16 4.37 3.06 22.23
CA VAL B 16 3.41 3.38 21.18
C VAL B 16 2.03 3.19 21.81
N MET B 17 1.02 3.90 21.28
CA MET B 17 -0.35 3.81 21.78
C MET B 17 -1.19 3.35 20.60
N LEU B 18 -1.97 2.28 20.78
CA LEU B 18 -2.82 1.78 19.71
C LEU B 18 -4.17 2.39 19.99
N PHE B 19 -4.61 3.22 19.06
CA PHE B 19 -5.86 3.95 19.20
C PHE B 19 -6.93 3.48 18.24
N ARG B 20 -8.11 3.28 18.76
CA ARG B 20 -9.23 2.81 17.97
C ARG B 20 -9.91 4.00 17.31
N LYS B 21 -10.23 3.85 16.02
CA LYS B 21 -10.90 4.91 15.27
C LYS B 21 -12.33 5.15 15.71
N SER B 22 -13.15 4.10 15.79
CA SER B 22 -14.53 4.28 16.20
C SER B 22 -15.02 3.20 17.15
N PRO B 23 -15.22 3.53 18.44
CA PRO B 23 -15.01 4.86 19.02
C PRO B 23 -13.56 5.17 19.27
N GLN B 24 -13.25 6.45 19.39
CA GLN B 24 -11.89 6.86 19.62
C GLN B 24 -11.53 6.45 21.04
N GLU B 25 -10.79 5.35 21.14
CA GLU B 25 -10.38 4.80 22.44
C GLU B 25 -8.98 4.22 22.49
N LEU B 26 -8.48 4.10 23.70
CA LEU B 26 -7.18 3.49 23.95
C LEU B 26 -7.45 2.00 23.83
N LEU B 27 -6.65 1.32 23.03
CA LEU B 27 -6.78 -0.11 22.82
C LEU B 27 -5.76 -0.86 23.69
N CYS B 28 -4.49 -0.67 23.37
CA CYS B 28 -3.42 -1.33 24.07
C CYS B 28 -2.19 -0.46 23.83
N GLY B 29 -1.07 -0.94 24.35
CA GLY B 29 0.21 -0.26 24.21
C GLY B 29 0.95 -1.01 23.12
N ALA B 30 2.18 -0.62 22.84
CA ALA B 30 2.95 -1.29 21.81
C ALA B 30 4.32 -0.70 21.85
N SER B 31 5.20 -1.08 20.93
CA SER B 31 6.54 -0.53 20.96
C SER B 31 7.15 -0.37 19.58
N LEU B 32 7.97 0.67 19.43
CA LEU B 32 8.60 0.98 18.17
C LEU B 32 9.94 0.28 18.09
N ILE B 33 10.10 -0.64 17.13
CA ILE B 33 11.38 -1.33 17.00
C ILE B 33 12.30 -0.76 15.92
N SER B 34 11.78 0.11 15.06
CA SER B 34 12.56 0.79 14.00
C SER B 34 11.73 1.99 13.55
N ASP B 35 12.11 2.64 12.45
CA ASP B 35 11.31 3.77 11.97
C ASP B 35 10.01 3.38 11.29
N ARG B 36 9.83 2.11 10.94
CA ARG B 36 8.59 1.66 10.29
C ARG B 36 7.87 0.46 10.89
N TRP B 37 8.47 -0.18 11.89
CA TRP B 37 7.82 -1.33 12.52
C TRP B 37 7.46 -1.17 14.01
N VAL B 38 6.30 -1.71 14.35
CA VAL B 38 5.75 -1.65 15.71
C VAL B 38 5.47 -3.10 16.14
N LEU B 39 5.62 -3.42 17.42
CA LEU B 39 5.39 -4.78 17.95
C LEU B 39 4.32 -4.71 19.03
N THR B 40 3.37 -5.65 19.01
CA THR B 40 2.27 -5.70 19.98
C THR B 40 1.86 -7.15 20.32
N ALA B 41 0.82 -7.30 21.13
CA ALA B 41 0.30 -8.59 21.50
C ALA B 41 -0.82 -8.85 20.50
N ALA B 42 -0.71 -9.98 19.78
CA ALA B 42 -1.72 -10.35 18.79
C ALA B 42 -3.14 -10.25 19.29
N HIS B 43 -3.37 -10.44 20.57
CA HIS B 43 -4.75 -10.37 21.08
C HIS B 43 -5.38 -8.96 21.05
N CYS B 44 -4.60 -7.96 20.64
CA CYS B 44 -5.12 -6.59 20.55
C CYS B 44 -5.87 -6.43 19.24
N LEU B 45 -5.37 -7.10 18.19
CA LEU B 45 -5.93 -7.04 16.85
C LEU B 45 -6.94 -8.17 16.58
N LEU B 46 -6.64 -9.40 17.02
CA LEU B 46 -7.54 -10.56 16.81
C LEU B 46 -7.86 -11.38 18.04
N TYR B 47 -9.14 -11.47 18.35
CA TYR B 47 -9.56 -12.22 19.49
C TYR B 47 -11.03 -12.55 19.32
N PRO B 48 -11.31 -13.65 18.62
CA PRO B 48 -12.64 -14.14 18.33
C PRO B 48 -13.65 -14.17 19.48
N PRO B 49 -13.24 -14.58 20.70
CA PRO B 49 -14.25 -14.60 21.77
C PRO B 49 -14.93 -13.28 22.09
N TRP B 50 -14.43 -12.18 21.50
CA TRP B 50 -14.99 -10.85 21.72
C TRP B 50 -15.46 -10.27 20.39
N ASP B 51 -15.40 -11.09 19.34
CA ASP B 51 -15.75 -10.70 17.98
C ASP B 51 -14.72 -9.71 17.47
N LYS B 52 -13.56 -9.68 18.12
CA LYS B 52 -12.52 -8.75 17.75
C LYS B 52 -11.70 -9.29 16.63
N ASN B 53 -11.57 -8.48 15.58
CA ASN B 53 -10.76 -8.78 14.42
C ASN B 53 -10.67 -7.45 13.71
N PHE B 54 -9.54 -6.78 13.89
CA PHE B 54 -9.31 -5.48 13.30
C PHE B 54 -8.44 -5.51 12.09
N THR B 55 -8.80 -4.67 11.11
CA THR B 55 -8.06 -4.53 9.87
C THR B 55 -7.28 -3.22 9.95
N VAL B 56 -6.35 -3.00 9.02
CA VAL B 56 -5.57 -1.77 9.02
C VAL B 56 -6.43 -0.49 9.07
N ASP B 57 -7.73 -0.62 8.83
CA ASP B 57 -8.61 0.53 8.85
C ASP B 57 -9.28 0.76 10.18
N ASP B 58 -9.25 -0.21 11.08
CA ASP B 58 -9.93 -0.03 12.36
C ASP B 58 -9.16 0.73 13.41
N LEU B 59 -7.91 1.07 13.11
CA LEU B 59 -7.11 1.75 14.11
C LEU B 59 -5.91 2.54 13.59
N LEU B 60 -5.38 3.44 14.44
CA LEU B 60 -4.23 4.29 14.14
C LEU B 60 -3.20 4.07 15.23
N VAL B 61 -2.01 4.59 15.03
CA VAL B 61 -0.95 4.47 16.02
C VAL B 61 -0.54 5.90 16.49
N ARG B 62 -0.28 6.06 17.77
CA ARG B 62 0.12 7.35 18.33
C ARG B 62 1.47 7.19 19.04
N ILE B 63 2.50 7.81 18.48
CA ILE B 63 3.86 7.72 18.99
C ILE B 63 4.33 9.07 19.58
N GLY B 64 5.15 9.01 20.63
CA GLY B 64 5.69 10.20 21.28
C GLY B 64 4.91 10.80 22.45
N LYS B 65 3.80 10.17 22.81
CA LYS B 65 2.96 10.70 23.87
C LYS B 65 3.43 10.59 25.31
N HIS B 66 2.76 11.33 26.19
CA HIS B 66 3.03 11.32 27.63
C HIS B 66 1.64 11.32 28.24
N SER B 67 0.80 12.26 27.82
CA SER B 67 -0.57 12.34 28.31
C SER B 67 -1.36 11.38 27.45
N ARG B 68 -2.34 10.69 28.00
CA ARG B 68 -3.06 9.72 27.17
C ARG B 68 -4.18 10.24 26.34
N THR B 69 -4.68 11.42 26.68
CA THR B 69 -5.81 12.02 25.96
C THR B 69 -5.49 13.19 25.02
N ARG B 70 -4.87 14.23 25.56
CA ARG B 70 -4.53 15.44 24.82
C ARG B 70 -3.62 15.28 23.62
N TYR B 71 -3.95 15.97 22.53
CA TYR B 71 -3.11 15.94 21.35
C TYR B 71 -1.90 16.79 21.69
N GLU B 72 -0.75 16.17 21.83
CA GLU B 72 0.48 16.87 22.18
C GLU B 72 1.20 17.30 20.94
N ARG B 73 0.65 18.34 20.30
CA ARG B 73 1.15 18.93 19.05
C ARG B 73 2.65 19.06 18.86
N LYS B 74 3.37 19.35 19.93
CA LYS B 74 4.81 19.58 19.86
C LYS B 74 5.70 18.35 19.81
N VAL B 75 5.18 17.18 20.22
CA VAL B 75 5.96 15.94 20.26
C VAL B 75 5.34 14.72 19.61
N GLU B 76 4.01 14.65 19.65
CA GLU B 76 3.26 13.53 19.14
C GLU B 76 3.23 13.31 17.63
N LYS B 77 3.18 12.05 17.22
CA LYS B 77 3.12 11.63 15.82
C LYS B 77 2.03 10.57 15.69
N ILE B 78 1.20 10.70 14.66
CA ILE B 78 0.11 9.77 14.40
C ILE B 78 0.39 9.03 13.09
N SER B 79 0.10 7.73 13.06
CA SER B 79 0.33 6.96 11.84
C SER B 79 -0.74 5.95 11.58
N MET B 80 -0.75 5.49 10.34
CA MET B 80 -1.72 4.50 9.91
C MET B 80 -0.96 3.25 9.58
N LEU B 81 -1.65 2.13 9.65
CA LEU B 81 -1.05 0.84 9.40
C LEU B 81 -1.12 0.46 7.94
N ASP B 82 -0.02 -0.09 7.45
CA ASP B 82 0.06 -0.56 6.09
C ASP B 82 -0.28 -2.06 6.08
N LYS B 83 0.43 -2.84 6.88
CA LYS B 83 0.20 -4.27 6.95
C LYS B 83 0.29 -4.76 8.39
N ILE B 84 -0.64 -5.63 8.78
CA ILE B 84 -0.67 -6.23 10.11
C ILE B 84 -0.24 -7.70 9.95
N TYR B 85 0.67 -8.19 10.80
CA TYR B 85 1.13 -9.59 10.72
C TYR B 85 0.98 -10.31 12.06
N ILE B 86 0.05 -11.25 12.16
CA ILE B 86 -0.18 -12.00 13.39
C ILE B 86 0.47 -13.39 13.31
N HIS B 87 1.16 -13.81 14.37
CA HIS B 87 1.81 -15.12 14.38
C HIS B 87 0.74 -16.15 14.07
N PRO B 88 0.99 -17.02 13.06
CA PRO B 88 0.07 -18.07 12.61
C PRO B 88 -0.29 -19.14 13.66
N ARG B 89 0.63 -19.36 14.60
CA ARG B 89 0.43 -20.32 15.65
C ARG B 89 0.00 -19.63 16.93
N TYR B 90 -0.71 -18.51 16.79
CA TYR B 90 -1.21 -17.74 17.94
C TYR B 90 -2.41 -18.50 18.47
N ASN B 91 -2.35 -18.92 19.74
CA ASN B 91 -3.43 -19.70 20.37
C ASN B 91 -4.30 -18.91 21.33
N TRP B 92 -5.37 -18.34 20.82
CA TRP B 92 -6.27 -17.54 21.64
C TRP B 92 -7.33 -18.33 22.35
N LYS B 93 -7.61 -19.53 21.87
CA LYS B 93 -8.67 -20.33 22.48
C LYS B 93 -8.23 -21.07 23.75
N GLU B 94 -6.93 -21.27 23.91
CA GLU B 94 -6.44 -22.02 25.06
C GLU B 94 -5.65 -21.32 26.18
N ASN B 95 -4.55 -20.67 25.83
CA ASN B 95 -3.71 -20.05 26.85
C ASN B 95 -2.90 -18.83 26.37
N LEU B 96 -3.32 -18.24 25.25
CA LEU B 96 -2.64 -17.09 24.65
C LEU B 96 -1.17 -17.41 24.42
N ASP B 97 -0.94 -18.53 23.76
CA ASP B 97 0.42 -18.95 23.45
C ASP B 97 0.79 -18.21 22.17
N ARG B 98 2.03 -17.73 22.07
CA ARG B 98 2.50 -17.01 20.90
C ARG B 98 1.67 -15.78 20.58
N ASP B 99 1.33 -15.01 21.63
CA ASP B 99 0.53 -13.79 21.54
C ASP B 99 1.43 -12.67 21.02
N ILE B 100 1.57 -12.57 19.70
CA ILE B 100 2.44 -11.55 19.10
C ILE B 100 1.95 -11.14 17.71
N ALA B 101 2.18 -9.88 17.34
CA ALA B 101 1.77 -9.34 16.05
C ALA B 101 2.68 -8.18 15.72
N LEU B 102 3.08 -8.07 14.46
CA LEU B 102 3.92 -6.98 13.95
C LEU B 102 3.02 -6.04 13.14
N LEU B 103 3.30 -4.74 13.17
CA LEU B 103 2.49 -3.78 12.41
C LEU B 103 3.44 -2.92 11.58
N LYS B 104 3.16 -2.75 10.29
CA LYS B 104 4.01 -1.93 9.45
C LYS B 104 3.37 -0.56 9.24
N LEU B 105 4.09 0.51 9.56
CA LEU B 105 3.60 1.88 9.42
C LEU B 105 3.51 2.28 7.94
N LYS B 106 2.41 2.93 7.54
CA LYS B 106 2.22 3.35 6.15
C LYS B 106 3.41 4.15 5.66
N ARG B 107 3.97 4.98 6.53
CA ARG B 107 5.13 5.81 6.21
C ARG B 107 6.07 5.87 7.41
N PRO B 108 7.38 5.79 7.16
CA PRO B 108 8.40 5.84 8.22
C PRO B 108 8.28 7.13 9.02
N ILE B 109 8.33 7.03 10.35
CA ILE B 109 8.25 8.24 11.17
C ILE B 109 9.64 8.87 11.37
N GLU B 110 9.66 10.13 11.75
CA GLU B 110 10.92 10.83 11.97
C GLU B 110 11.17 10.63 13.45
N LEU B 111 12.35 10.14 13.78
CA LEU B 111 12.70 9.90 15.17
C LEU B 111 13.01 11.25 15.80
N SER B 112 12.95 11.33 17.12
CA SER B 112 13.24 12.58 17.80
C SER B 112 13.73 12.30 19.20
N ASP B 113 13.61 13.27 20.09
CA ASP B 113 14.02 13.12 21.48
C ASP B 113 12.98 12.27 22.20
N TYR B 114 11.77 12.22 21.64
CA TYR B 114 10.66 11.52 22.23
C TYR B 114 10.22 10.28 21.48
N ILE B 115 10.84 10.02 20.34
CA ILE B 115 10.48 8.88 19.50
C ILE B 115 11.76 8.19 19.13
N HIS B 116 12.03 7.04 19.77
CA HIS B 116 13.26 6.30 19.53
C HIS B 116 13.01 4.81 19.78
N PRO B 117 13.56 3.95 18.93
CA PRO B 117 13.38 2.51 19.05
C PRO B 117 14.11 1.82 20.20
N VAL B 118 13.51 0.72 20.67
CA VAL B 118 14.07 -0.11 21.73
C VAL B 118 14.74 -1.26 20.98
N CYS B 119 15.72 -1.93 21.58
CA CYS B 119 16.36 -3.05 20.91
C CYS B 119 15.66 -4.36 21.19
N LEU B 120 15.90 -5.34 20.31
CA LEU B 120 15.39 -6.70 20.47
C LEU B 120 16.61 -7.47 21.01
N PRO B 121 16.40 -8.40 21.95
CA PRO B 121 17.51 -9.15 22.54
C PRO B 121 18.17 -10.16 21.62
N ASP B 122 19.42 -10.50 21.94
CA ASP B 122 20.16 -11.50 21.19
C ASP B 122 20.49 -12.61 22.16
N LYS B 123 21.11 -13.68 21.66
CA LYS B 123 21.50 -14.85 22.46
C LYS B 123 22.17 -14.55 23.80
N GLN B 124 23.26 -13.78 23.74
CA GLN B 124 24.03 -13.39 24.92
C GLN B 124 23.19 -12.63 25.95
N THR B 125 22.44 -11.62 25.50
CA THR B 125 21.61 -10.80 26.38
C THR B 125 20.48 -11.59 27.02
N ALA B 126 19.84 -12.43 26.21
CA ALA B 126 18.75 -13.26 26.67
C ALA B 126 19.30 -14.13 27.79
N ALA B 127 20.42 -14.76 27.50
CA ALA B 127 21.07 -15.65 28.45
C ALA B 127 21.53 -14.97 29.73
N LYS B 128 22.29 -13.89 29.60
CA LYS B 128 22.81 -13.18 30.74
C LYS B 128 21.78 -12.47 31.61
N LEU B 129 20.73 -11.93 30.99
CA LEU B 129 19.72 -11.17 31.73
C LEU B 129 18.46 -11.86 32.20
N LEU B 130 17.95 -12.83 31.44
CA LEU B 130 16.72 -13.52 31.84
C LEU B 130 16.98 -14.49 32.98
N HIS B 131 17.17 -13.96 34.18
CA HIS B 131 17.42 -14.77 35.37
C HIS B 131 16.39 -14.37 36.41
N ALA B 132 15.80 -15.35 37.10
CA ALA B 132 14.80 -15.02 38.13
C ALA B 132 15.40 -14.01 39.09
N GLY B 133 14.57 -13.13 39.63
CA GLY B 133 15.06 -12.12 40.56
C GLY B 133 15.51 -10.80 39.96
N PHE B 134 16.00 -10.81 38.72
CA PHE B 134 16.42 -9.60 38.00
C PHE B 134 15.17 -8.80 37.62
N LYS B 135 15.27 -7.47 37.61
CA LYS B 135 14.11 -6.64 37.29
C LYS B 135 14.02 -6.03 35.89
N GLY B 136 12.79 -5.86 35.44
CA GLY B 136 12.52 -5.26 34.15
C GLY B 136 11.56 -4.11 34.40
N ARG B 137 11.18 -3.40 33.35
CA ARG B 137 10.29 -2.26 33.48
C ARG B 137 9.13 -2.36 32.53
N VAL B 138 7.94 -2.06 33.05
CA VAL B 138 6.71 -2.11 32.27
C VAL B 138 6.13 -0.69 32.34
N THR B 139 5.59 -0.23 31.20
CA THR B 139 4.97 1.08 31.07
C THR B 139 3.69 0.97 30.25
N GLY B 140 2.69 1.78 30.58
CA GLY B 140 1.44 1.76 29.85
C GLY B 140 0.47 2.84 30.35
N TRP B 141 -0.66 2.99 29.69
CA TRP B 141 -1.67 3.98 30.09
C TRP B 141 -2.89 3.22 30.61
N GLY B 142 -2.70 1.96 30.97
CA GLY B 142 -3.81 1.14 31.44
C GLY B 142 -4.26 1.48 32.83
N ASN B 143 -5.41 0.95 33.22
CA ASN B 143 -5.99 1.20 34.55
C ASN B 143 -5.05 1.00 35.71
N ARG B 144 -5.18 1.89 36.70
CA ARG B 144 -4.39 1.88 37.91
C ARG B 144 -5.02 1.04 39.00
N ARG B 145 -6.21 0.53 38.73
CA ARG B 145 -6.95 -0.30 39.68
C ARG B 145 -7.77 -1.29 38.88
N GLU B 146 -8.28 -2.31 39.55
CA GLU B 146 -9.04 -3.36 38.90
C GLU B 146 -10.45 -3.03 38.37
N THR B 147 -11.36 -2.64 39.26
CA THR B 147 -12.74 -2.33 38.85
C THR B 147 -12.92 -0.85 38.48
N TRP B 148 -13.90 -0.58 37.63
CA TRP B 148 -14.19 0.78 37.17
C TRP B 148 -14.75 1.77 38.18
N THR B 149 -14.05 2.90 38.29
CA THR B 149 -14.37 4.02 39.18
C THR B 149 -14.83 3.57 40.57
N THR B 150 -13.90 3.56 41.53
CA THR B 150 -14.25 3.12 42.88
C THR B 150 -14.03 4.18 43.99
N SER B 151 -12.79 4.65 44.10
CA SER B 151 -12.38 5.63 45.12
C SER B 151 -11.87 6.95 44.50
N VAL B 152 -11.41 7.85 45.37
CA VAL B 152 -10.88 9.16 44.94
C VAL B 152 -9.81 8.96 43.86
N ALA B 153 -9.09 7.84 43.96
CA ALA B 153 -8.06 7.49 43.00
C ALA B 153 -8.74 6.88 41.79
N GLU B 154 -9.07 7.71 40.82
CA GLU B 154 -9.72 7.28 39.60
C GLU B 154 -8.86 6.26 38.84
N VAL B 155 -9.56 5.36 38.16
CA VAL B 155 -8.98 4.27 37.38
C VAL B 155 -7.93 4.62 36.30
N GLN B 156 -8.26 5.46 35.31
CA GLN B 156 -7.29 5.78 34.25
C GLN B 156 -6.26 6.84 34.62
N PRO B 157 -4.98 6.61 34.29
CA PRO B 157 -3.93 7.57 34.60
C PRO B 157 -4.01 8.80 33.70
N SER B 158 -3.47 9.93 34.14
CA SER B 158 -3.49 11.12 33.31
C SER B 158 -2.32 11.06 32.34
N VAL B 159 -1.18 10.55 32.83
CA VAL B 159 0.02 10.40 32.03
C VAL B 159 0.53 8.98 32.09
N LEU B 160 1.56 8.70 31.30
CA LEU B 160 2.21 7.39 31.22
C LEU B 160 2.70 6.89 32.58
N GLN B 161 2.40 5.63 32.93
CA GLN B 161 2.84 5.06 34.20
C GLN B 161 4.04 4.12 34.10
N VAL B 162 4.82 4.00 35.17
CA VAL B 162 6.00 3.11 35.19
C VAL B 162 5.95 2.22 36.39
N VAL B 163 6.56 1.05 36.26
CA VAL B 163 6.68 0.10 37.36
C VAL B 163 7.80 -0.88 37.04
N ASN B 164 8.67 -1.16 38.01
CA ASN B 164 9.78 -2.10 37.85
C ASN B 164 9.36 -3.36 38.61
N LEU B 165 9.51 -4.51 37.96
CA LEU B 165 9.12 -5.80 38.52
C LEU B 165 10.20 -6.87 38.33
N PRO B 166 10.23 -7.88 39.23
CA PRO B 166 11.18 -8.99 39.22
C PRO B 166 10.72 -10.20 38.37
N LEU B 167 11.64 -10.74 37.55
CA LEU B 167 11.35 -11.95 36.76
C LEU B 167 11.20 -13.08 37.79
N VAL B 168 10.13 -13.86 37.70
CA VAL B 168 9.88 -14.94 38.65
C VAL B 168 10.31 -16.31 38.09
N GLU B 169 10.63 -17.22 39.00
CA GLU B 169 11.08 -18.58 38.70
C GLU B 169 9.95 -19.36 38.04
N ARG B 170 10.25 -20.03 36.92
CA ARG B 170 9.23 -20.80 36.19
C ARG B 170 8.31 -21.72 37.01
N PRO B 171 8.86 -22.47 37.98
CA PRO B 171 8.02 -23.35 38.80
C PRO B 171 6.95 -22.54 39.53
N VAL B 172 7.36 -21.37 40.03
CA VAL B 172 6.44 -20.47 40.76
C VAL B 172 5.37 -19.94 39.80
N CYS B 173 5.78 -19.62 38.57
CA CYS B 173 4.84 -19.15 37.55
C CYS B 173 3.79 -20.22 37.34
N LYS B 174 4.24 -21.45 37.04
CA LYS B 174 3.33 -22.56 36.81
C LYS B 174 2.39 -22.81 38.00
N ALA B 175 2.94 -22.91 39.21
CA ALA B 175 2.10 -23.13 40.39
C ALA B 175 1.06 -22.04 40.64
N SER B 176 1.25 -20.86 40.06
CA SER B 176 0.31 -19.73 40.27
C SER B 176 -0.97 -19.81 39.51
N THR B 177 -0.94 -20.42 38.33
CA THR B 177 -2.18 -20.49 37.56
C THR B 177 -2.66 -21.89 37.30
N ARG B 178 -3.96 -21.97 37.03
CA ARG B 178 -4.62 -23.21 36.69
C ARG B 178 -4.51 -23.42 35.15
N ILE B 179 -3.81 -22.51 34.47
CA ILE B 179 -3.67 -22.54 33.00
C ILE B 179 -2.38 -23.22 32.58
N ARG B 180 -2.35 -23.68 31.34
CA ARG B 180 -1.20 -24.35 30.76
C ARG B 180 -0.19 -23.33 30.26
N ILE B 181 0.83 -23.05 31.07
CA ILE B 181 1.90 -22.12 30.72
C ILE B 181 2.72 -22.79 29.63
N THR B 182 3.51 -22.04 28.87
CA THR B 182 4.33 -22.63 27.81
C THR B 182 5.69 -21.96 27.85
N ASP B 183 6.53 -22.27 26.87
CA ASP B 183 7.86 -21.68 26.83
C ASP B 183 7.91 -20.34 26.12
N ASN B 184 6.81 -19.93 25.52
CA ASN B 184 6.73 -18.66 24.82
C ASN B 184 6.12 -17.60 25.69
N MET B 185 6.22 -17.79 27.01
CA MET B 185 5.70 -16.85 27.99
C MET B 185 6.47 -16.87 29.31
N PHE B 186 6.53 -15.72 29.98
CA PHE B 186 7.16 -15.64 31.29
C PHE B 186 6.32 -14.85 32.26
N CYS B 187 6.62 -14.89 33.55
CA CYS B 187 5.81 -14.16 34.52
C CYS B 187 6.71 -13.28 35.39
N ALA B 188 6.16 -12.20 35.93
CA ALA B 188 6.98 -11.30 36.75
C ALA B 188 6.13 -10.71 37.80
N GLY B 189 6.74 -10.34 38.91
CA GLY B 189 5.98 -9.75 39.99
C GLY B 189 6.57 -10.08 41.34
N TYR B 190 5.92 -9.59 42.38
CA TYR B 190 6.36 -9.82 43.74
C TYR B 190 5.53 -10.94 44.36
N LYS B 191 6.15 -11.66 45.28
CA LYS B 191 5.50 -12.75 45.98
C LYS B 191 4.72 -12.12 47.12
N PRO B 192 3.64 -12.78 47.58
CA PRO B 192 2.87 -12.18 48.68
C PRO B 192 3.75 -12.00 49.91
N GLY B 193 3.35 -11.13 50.82
CA GLY B 193 4.14 -10.93 52.02
C GLY B 193 5.41 -10.11 51.86
N GLU B 194 5.90 -9.96 50.63
CA GLU B 194 7.12 -9.18 50.39
C GLU B 194 6.88 -7.71 50.72
N GLY B 195 5.62 -7.31 50.71
CA GLY B 195 5.26 -5.93 51.00
C GLY B 195 5.57 -4.94 49.89
N LYS B 196 5.78 -5.46 48.67
CA LYS B 196 6.06 -4.64 47.50
C LYS B 196 5.03 -5.09 46.50
N ARG B 197 4.33 -4.15 45.87
CA ARG B 197 3.28 -4.47 44.89
C ARG B 197 3.56 -3.93 43.48
N GLY B 198 2.60 -4.09 42.57
CA GLY B 198 2.79 -3.61 41.20
C GLY B 198 2.44 -4.64 40.13
N ASP B 199 1.78 -4.22 39.04
CA ASP B 199 1.39 -5.13 37.96
C ASP B 199 0.89 -4.36 36.74
N ALA B 200 0.78 -5.06 35.61
CA ALA B 200 0.24 -4.45 34.40
C ALA B 200 -1.26 -4.54 34.67
N CYS B 201 -2.11 -4.01 33.77
CA CYS B 201 -3.57 -4.06 33.97
C CYS B 201 -4.26 -3.71 32.66
N GLU B 202 -5.59 -3.70 32.64
CA GLU B 202 -6.29 -3.44 31.38
C GLU B 202 -5.90 -2.13 30.72
N GLY B 203 -5.48 -2.26 29.46
CA GLY B 203 -5.07 -1.13 28.66
C GLY B 203 -3.60 -1.25 28.42
N ASP B 204 -2.94 -2.07 29.22
CA ASP B 204 -1.49 -2.25 29.10
C ASP B 204 -0.97 -3.32 28.13
N SER B 205 -1.80 -4.25 27.66
CA SER B 205 -1.33 -5.30 26.73
C SER B 205 -0.57 -4.70 25.59
N GLY B 206 0.33 -5.44 25.00
CA GLY B 206 1.08 -4.92 23.87
C GLY B 206 2.25 -4.10 24.27
N GLY B 207 2.17 -3.50 25.45
CA GLY B 207 3.25 -2.67 25.97
C GLY B 207 4.51 -3.47 26.19
N PRO B 208 5.67 -2.82 26.17
CA PRO B 208 6.92 -3.56 26.38
C PRO B 208 7.33 -3.80 27.83
N PHE B 209 8.15 -4.84 28.00
CA PHE B 209 8.73 -5.22 29.29
C PHE B 209 10.21 -5.11 28.94
N VAL B 210 10.88 -4.07 29.42
CA VAL B 210 12.27 -3.89 29.06
C VAL B 210 13.23 -4.08 30.21
N MET B 211 14.51 -4.22 29.86
CA MET B 211 15.60 -4.41 30.82
C MET B 211 16.76 -3.65 30.22
N LYS B 212 17.64 -3.12 31.07
CA LYS B 212 18.77 -2.35 30.57
C LYS B 212 20.05 -3.18 30.73
N SER B 213 20.69 -3.51 29.62
CA SER B 213 21.91 -4.32 29.68
C SER B 213 23.03 -3.55 30.37
N PRO B 214 23.73 -4.19 31.33
CA PRO B 214 24.82 -3.52 32.04
C PRO B 214 26.13 -3.59 31.25
N TYR B 215 26.08 -4.25 30.09
CA TYR B 215 27.27 -4.42 29.28
C TYR B 215 27.43 -3.35 28.22
N ASN B 216 26.35 -2.97 27.56
CA ASN B 216 26.39 -1.93 26.52
C ASN B 216 25.53 -0.72 26.87
N ASN B 217 24.85 -0.80 28.01
CA ASN B 217 24.02 0.29 28.51
C ASN B 217 22.77 0.65 27.70
N ARG B 218 22.31 -0.29 26.88
CA ARG B 218 21.14 -0.11 26.06
C ARG B 218 19.92 -0.78 26.66
N TRP B 219 18.73 -0.43 26.15
CA TRP B 219 17.47 -1.02 26.61
C TRP B 219 16.98 -2.11 25.64
N TYR B 220 16.60 -3.26 26.19
CA TYR B 220 16.13 -4.37 25.37
C TYR B 220 14.72 -4.73 25.72
N GLN B 221 13.95 -5.13 24.73
CA GLN B 221 12.59 -5.54 25.00
C GLN B 221 12.63 -7.05 25.12
N MET B 222 12.24 -7.54 26.30
CA MET B 222 12.24 -8.96 26.59
C MET B 222 10.84 -9.51 26.54
N GLY B 223 9.86 -8.73 27.00
CA GLY B 223 8.49 -9.21 27.00
C GLY B 223 7.47 -8.27 26.38
N ILE B 224 6.21 -8.69 26.35
CA ILE B 224 5.11 -7.93 25.81
C ILE B 224 3.97 -8.20 26.78
N VAL B 225 3.36 -7.19 27.38
CA VAL B 225 2.26 -7.46 28.31
C VAL B 225 1.25 -8.32 27.57
N SER B 226 0.69 -9.33 28.24
CA SER B 226 -0.25 -10.26 27.63
C SER B 226 -1.47 -10.56 28.47
N TRP B 227 -1.32 -11.28 29.57
CA TRP B 227 -2.51 -11.58 30.38
C TRP B 227 -2.16 -11.81 31.81
N GLY B 228 -3.20 -12.04 32.62
CA GLY B 228 -3.01 -12.29 34.03
C GLY B 228 -4.35 -12.56 34.67
N GLU B 229 -4.34 -12.84 35.96
CA GLU B 229 -5.60 -13.09 36.64
C GLU B 229 -5.83 -11.90 37.55
N GLY B 230 -6.61 -10.95 37.05
CA GLY B 230 -6.85 -9.72 37.81
C GLY B 230 -5.59 -8.88 37.70
N CYS B 231 -5.56 -7.75 38.41
CA CYS B 231 -4.41 -6.83 38.39
C CYS B 231 -3.91 -6.76 39.84
N ASP B 232 -2.64 -7.10 40.03
CA ASP B 232 -1.97 -7.08 41.33
C ASP B 232 -2.63 -7.91 42.45
N ARG B 233 -2.94 -9.17 42.15
CA ARG B 233 -3.57 -10.06 43.14
C ARG B 233 -2.46 -10.80 43.86
N ASP B 234 -2.68 -11.10 45.13
CA ASP B 234 -1.67 -11.82 45.91
C ASP B 234 -1.52 -13.27 45.46
N GLY B 235 -0.30 -13.71 45.21
CA GLY B 235 -0.11 -15.08 44.78
C GLY B 235 -0.25 -15.29 43.27
N LYS B 236 -0.72 -14.26 42.57
CA LYS B 236 -0.87 -14.26 41.12
C LYS B 236 0.22 -13.39 40.51
N TYR B 237 0.68 -13.75 39.32
CA TYR B 237 1.74 -13.01 38.61
C TYR B 237 1.22 -12.61 37.23
N GLY B 238 1.95 -11.75 36.53
CA GLY B 238 1.52 -11.34 35.21
C GLY B 238 2.31 -12.04 34.13
N PHE B 239 1.63 -12.47 33.06
CA PHE B 239 2.31 -13.17 31.98
C PHE B 239 2.58 -12.27 30.79
N TYR B 240 3.80 -12.41 30.26
CA TYR B 240 4.32 -11.63 29.14
C TYR B 240 4.79 -12.58 28.02
N THR B 241 4.62 -12.18 26.77
CA THR B 241 5.06 -13.00 25.64
C THR B 241 6.57 -13.05 25.69
N HIS B 242 7.15 -14.19 25.34
CA HIS B 242 8.60 -14.33 25.37
C HIS B 242 9.10 -13.83 24.05
N VAL B 243 9.65 -12.63 24.04
CA VAL B 243 10.13 -12.06 22.78
C VAL B 243 11.33 -12.75 22.17
N PHE B 244 12.40 -12.96 22.92
CA PHE B 244 13.58 -13.60 22.35
C PHE B 244 13.29 -14.93 21.66
N ARG B 245 12.48 -15.76 22.29
CA ARG B 245 12.14 -17.04 21.71
C ARG B 245 11.53 -16.93 20.33
N LEU B 246 10.59 -16.00 20.16
CA LEU B 246 9.92 -15.80 18.89
C LEU B 246 10.68 -14.98 17.86
N LYS B 247 11.94 -14.65 18.14
CA LYS B 247 12.71 -13.81 17.22
C LYS B 247 12.90 -14.38 15.82
N LYS B 248 12.77 -15.70 15.67
CA LYS B 248 12.94 -16.33 14.35
C LYS B 248 11.84 -15.89 13.39
N TRP B 249 10.62 -15.77 13.92
CA TRP B 249 9.46 -15.37 13.14
C TRP B 249 9.54 -13.89 12.77
N ILE B 250 9.88 -13.05 13.73
CA ILE B 250 10.04 -11.63 13.51
C ILE B 250 10.99 -11.42 12.32
N GLN B 251 12.15 -12.06 12.37
CA GLN B 251 13.14 -11.95 11.29
C GLN B 251 12.54 -12.45 9.98
N LYS B 252 11.95 -13.64 10.01
CA LYS B 252 11.30 -14.22 8.85
C LYS B 252 10.44 -13.15 8.19
N VAL B 253 9.51 -12.60 8.96
CA VAL B 253 8.58 -11.58 8.48
C VAL B 253 9.23 -10.30 7.95
N ILE B 254 10.10 -9.70 8.74
CA ILE B 254 10.72 -8.46 8.29
C ILE B 254 11.61 -8.62 7.08
N ASP B 255 12.57 -9.55 7.15
CA ASP B 255 13.53 -9.79 6.07
C ASP B 255 13.07 -10.58 4.85
N ARG B 256 12.25 -11.60 5.04
CA ARG B 256 11.76 -12.38 3.92
C ARG B 256 10.58 -11.61 3.31
N LEU B 257 10.91 -10.52 2.63
CA LEU B 257 9.91 -9.67 1.99
C LEU B 257 10.53 -8.95 0.79
N GLY B 258 11.32 -7.92 1.07
CA GLY B 258 11.96 -7.16 0.02
C GLY B 258 13.16 -7.89 -0.55
N SER B 259 13.16 -8.08 -1.86
CA SER B 259 14.25 -8.77 -2.56
C SER B 259 14.03 -8.58 -4.05
N THR C 1 -24.48 -4.07 -44.02
CA THR C 1 -24.53 -4.01 -45.49
C THR C 1 -23.94 -5.26 -46.16
N SER C 2 -22.71 -5.62 -45.78
CA SER C 2 -22.04 -6.79 -46.34
C SER C 2 -22.79 -8.08 -46.01
N GLU C 3 -22.34 -8.79 -44.98
CA GLU C 3 -22.99 -10.04 -44.58
C GLU C 3 -23.33 -10.07 -43.10
N ASP C 4 -22.53 -9.36 -42.30
CA ASP C 4 -22.75 -9.29 -40.87
C ASP C 4 -23.74 -8.16 -40.59
N HIS C 5 -23.36 -6.95 -40.98
CA HIS C 5 -24.15 -5.72 -40.86
C HIS C 5 -23.25 -4.49 -40.96
N PHE C 6 -22.06 -4.61 -40.39
CA PHE C 6 -21.05 -3.55 -40.37
C PHE C 6 -20.61 -3.21 -41.80
N GLN C 7 -19.73 -2.21 -41.95
CA GLN C 7 -19.23 -1.80 -43.25
C GLN C 7 -17.71 -1.88 -43.30
N PRO C 8 -17.17 -3.00 -43.80
CA PRO C 8 -15.72 -3.18 -43.89
C PRO C 8 -15.10 -2.13 -44.84
N PHE C 9 -14.46 -1.13 -44.24
CA PHE C 9 -13.83 -0.03 -44.97
C PHE C 9 -12.46 -0.36 -45.58
N PHE C 10 -11.74 -1.30 -44.98
CA PHE C 10 -10.40 -1.67 -45.45
C PHE C 10 -10.36 -2.88 -46.35
N ASN C 11 -9.32 -2.95 -47.17
CA ASN C 11 -9.11 -4.04 -48.11
C ASN C 11 -8.61 -5.25 -47.33
N GLU C 12 -9.41 -6.32 -47.35
CA GLU C 12 -9.10 -7.56 -46.64
C GLU C 12 -7.79 -8.23 -47.05
N LYS C 13 -7.36 -7.98 -48.27
CA LYS C 13 -6.12 -8.56 -48.76
C LYS C 13 -4.88 -7.91 -48.14
N THR C 14 -5.07 -6.75 -47.51
CA THR C 14 -3.97 -6.01 -46.87
C THR C 14 -4.17 -5.82 -45.36
N PHE C 15 -5.41 -5.56 -44.97
CA PHE C 15 -5.76 -5.34 -43.59
C PHE C 15 -5.58 -6.61 -42.78
N GLY C 16 -6.08 -7.70 -43.35
CA GLY C 16 -6.04 -8.99 -42.69
C GLY C 16 -7.44 -9.22 -42.20
N ALA C 17 -7.64 -10.24 -41.37
CA ALA C 17 -8.99 -10.51 -40.86
C ALA C 17 -9.33 -9.69 -39.62
N GLY C 18 -10.63 -9.67 -39.29
CA GLY C 18 -11.07 -8.96 -38.11
C GLY C 18 -12.14 -7.89 -38.28
N GLU C 19 -12.00 -7.05 -39.31
CA GLU C 19 -12.95 -5.96 -39.54
C GLU C 19 -14.42 -6.31 -39.47
N ALA C 20 -14.87 -7.22 -40.33
CA ALA C 20 -16.26 -7.62 -40.37
C ALA C 20 -17.00 -7.64 -39.04
N ASP C 21 -16.41 -8.27 -38.03
CA ASP C 21 -17.07 -8.34 -36.73
C ASP C 21 -16.21 -7.76 -35.59
N CYS C 22 -15.50 -6.68 -35.91
CA CYS C 22 -14.66 -5.99 -34.95
C CYS C 22 -15.56 -5.34 -33.89
N GLY C 23 -14.99 -5.05 -32.73
CA GLY C 23 -15.78 -4.41 -31.70
C GLY C 23 -16.82 -5.24 -30.96
N LEU C 24 -16.95 -6.52 -31.28
CA LEU C 24 -17.91 -7.35 -30.55
C LEU C 24 -17.06 -8.31 -29.75
N ARG C 25 -17.04 -8.10 -28.43
CA ARG C 25 -16.23 -8.92 -27.54
C ARG C 25 -16.79 -10.32 -27.29
N PRO C 26 -15.95 -11.34 -27.50
CA PRO C 26 -16.32 -12.74 -27.32
C PRO C 26 -17.03 -13.03 -26.02
N LEU C 27 -16.47 -12.56 -24.91
CA LEU C 27 -17.04 -12.79 -23.58
C LEU C 27 -18.13 -11.83 -23.14
N PHE C 28 -18.52 -10.89 -24.00
CA PHE C 28 -19.56 -9.92 -23.62
C PHE C 28 -20.68 -9.74 -24.62
N GLU C 29 -20.46 -8.92 -25.65
CA GLU C 29 -21.47 -8.67 -26.67
C GLU C 29 -22.01 -9.95 -27.33
N LYS C 30 -21.12 -10.86 -27.70
CA LYS C 30 -21.49 -12.13 -28.34
C LYS C 30 -22.39 -12.95 -27.44
N LYS C 31 -22.17 -12.85 -26.13
CA LYS C 31 -22.93 -13.60 -25.14
C LYS C 31 -24.02 -12.81 -24.45
N GLN C 32 -24.34 -11.63 -24.98
CA GLN C 32 -25.38 -10.78 -24.41
C GLN C 32 -25.12 -10.39 -22.97
N VAL C 33 -23.86 -10.24 -22.59
CA VAL C 33 -23.56 -9.89 -21.21
C VAL C 33 -22.88 -8.52 -21.09
N GLN C 34 -23.37 -7.75 -20.13
CA GLN C 34 -22.88 -6.41 -19.84
C GLN C 34 -21.76 -6.44 -18.82
N ASP C 35 -20.71 -5.68 -19.09
CA ASP C 35 -19.62 -5.60 -18.13
C ASP C 35 -20.08 -4.60 -17.06
N GLN C 36 -19.44 -4.63 -15.90
CA GLN C 36 -19.80 -3.77 -14.78
C GLN C 36 -20.01 -2.28 -14.92
N THR C 37 -19.15 -1.60 -15.69
CA THR C 37 -19.24 -0.14 -15.83
C THR C 37 -19.86 0.47 -17.09
N GLU C 38 -20.00 -0.27 -18.18
CA GLU C 38 -20.58 0.31 -19.42
C GLU C 38 -21.96 0.94 -19.26
N LYS C 39 -22.57 0.78 -18.10
CA LYS C 39 -23.87 1.38 -17.82
C LYS C 39 -23.70 2.91 -17.91
N GLU C 40 -22.56 3.41 -17.42
CA GLU C 40 -22.21 4.84 -17.42
C GLU C 40 -22.12 5.46 -18.80
N LEU C 41 -21.55 4.73 -19.74
CA LEU C 41 -21.42 5.24 -21.09
C LEU C 41 -22.80 5.58 -21.66
N PHE C 42 -23.71 4.62 -21.69
CA PHE C 42 -25.05 4.86 -22.24
C PHE C 42 -25.80 5.92 -21.45
N GLU C 43 -25.45 6.06 -20.18
CA GLU C 43 -26.05 7.05 -19.31
C GLU C 43 -25.64 8.44 -19.75
N SER C 44 -24.35 8.62 -20.02
CA SER C 44 -23.83 9.91 -20.46
C SER C 44 -24.46 10.30 -21.79
N TYR C 45 -24.93 9.29 -22.53
CA TYR C 45 -25.56 9.53 -23.82
C TYR C 45 -26.85 10.34 -23.68
N ILE C 46 -27.58 10.13 -22.59
CA ILE C 46 -28.82 10.85 -22.35
C ILE C 46 -28.60 12.16 -21.56
N GLU C 47 -27.49 12.25 -20.85
CA GLU C 47 -27.18 13.47 -20.10
C GLU C 47 -26.57 14.58 -20.97
N GLY C 48 -25.63 14.22 -21.82
CA GLY C 48 -24.97 15.20 -22.68
C GLY C 48 -25.75 15.70 -23.87
N ARG C 49 -27.07 15.62 -23.77
CA ARG C 49 -27.97 16.07 -24.84
C ARG C 49 -29.16 16.83 -24.23
N ILE D 1 -3.20 4.38 -15.05
CA ILE D 1 -4.57 4.93 -14.90
C ILE D 1 -4.67 5.34 -13.45
N VAL D 2 -5.27 6.51 -13.19
CA VAL D 2 -5.43 6.99 -11.82
C VAL D 2 -6.91 6.96 -11.50
N GLU D 3 -7.26 6.58 -10.28
CA GLU D 3 -8.66 6.49 -9.85
C GLU D 3 -9.37 5.50 -10.74
N GLY D 4 -8.64 4.48 -11.14
CA GLY D 4 -9.18 3.43 -11.99
C GLY D 4 -9.83 2.33 -11.18
N GLN D 5 -9.94 1.16 -11.81
CA GLN D 5 -10.58 0.01 -11.20
C GLN D 5 -9.97 -1.18 -11.92
N ASP D 6 -9.91 -2.33 -11.26
CA ASP D 6 -9.36 -3.52 -11.91
C ASP D 6 -10.30 -3.96 -13.01
N ALA D 7 -9.78 -4.13 -14.20
CA ALA D 7 -10.59 -4.53 -15.31
C ALA D 7 -11.01 -6.00 -15.23
N GLU D 8 -12.19 -6.30 -15.73
CA GLU D 8 -12.67 -7.66 -15.78
C GLU D 8 -11.78 -8.37 -16.81
N VAL D 9 -11.93 -9.69 -16.89
CA VAL D 9 -11.14 -10.49 -17.81
C VAL D 9 -11.77 -10.41 -19.19
N GLY D 10 -10.95 -10.09 -20.20
CA GLY D 10 -11.47 -9.96 -21.54
C GLY D 10 -12.43 -8.80 -21.65
N LEU D 11 -12.09 -7.68 -21.02
CA LEU D 11 -12.91 -6.46 -21.07
C LEU D 11 -12.48 -5.67 -22.30
N SER D 12 -11.17 -5.66 -22.57
CA SER D 12 -10.54 -5.00 -23.71
C SER D 12 -9.69 -6.02 -24.49
N PRO D 13 -10.33 -6.92 -25.24
CA PRO D 13 -9.56 -7.90 -26.00
C PRO D 13 -8.64 -7.32 -27.08
N TRP D 14 -8.75 -6.02 -27.35
CA TRP D 14 -7.91 -5.35 -28.37
C TRP D 14 -6.68 -4.71 -27.75
N GLN D 15 -6.58 -4.78 -26.43
CA GLN D 15 -5.45 -4.20 -25.69
C GLN D 15 -4.14 -4.96 -25.93
N VAL D 16 -3.14 -4.25 -26.42
CA VAL D 16 -1.81 -4.78 -26.72
C VAL D 16 -0.84 -4.16 -25.71
N MET D 17 0.40 -4.64 -25.64
CA MET D 17 1.38 -4.10 -24.68
C MET D 17 2.75 -4.07 -25.32
N LEU D 18 3.35 -2.88 -25.42
CA LEU D 18 4.66 -2.72 -26.03
C LEU D 18 5.65 -2.94 -24.92
N PHE D 19 6.48 -3.94 -25.11
CA PHE D 19 7.47 -4.36 -24.14
C PHE D 19 8.84 -4.11 -24.73
N ARG D 20 9.73 -3.54 -23.94
CA ARG D 20 11.06 -3.25 -24.40
C ARG D 20 11.83 -4.59 -24.26
N LYS D 21 12.66 -4.93 -25.26
CA LYS D 21 13.43 -6.18 -25.19
C LYS D 21 14.40 -6.17 -24.02
N SER D 22 15.31 -5.20 -24.03
CA SER D 22 16.28 -5.06 -22.95
C SER D 22 16.48 -3.57 -22.66
N PRO D 23 16.15 -3.14 -21.42
CA PRO D 23 15.64 -3.95 -20.30
C PRO D 23 14.23 -4.42 -20.62
N GLN D 24 13.79 -5.50 -19.96
CA GLN D 24 12.46 -6.01 -20.22
C GLN D 24 11.49 -5.12 -19.46
N GLU D 25 11.04 -4.05 -20.10
CA GLU D 25 10.13 -3.10 -19.49
C GLU D 25 8.84 -2.89 -20.24
N LEU D 26 7.81 -2.44 -19.53
CA LEU D 26 6.53 -2.08 -20.12
C LEU D 26 6.82 -0.68 -20.65
N LEU D 27 6.48 -0.45 -21.90
CA LEU D 27 6.74 0.81 -22.56
C LEU D 27 5.46 1.64 -22.74
N CYS D 28 4.49 1.09 -23.45
CA CYS D 28 3.24 1.80 -23.70
C CYS D 28 2.18 0.78 -23.92
N GLY D 29 1.01 1.32 -24.23
CA GLY D 29 -0.16 0.54 -24.53
C GLY D 29 -0.27 0.61 -26.04
N ALA D 30 -1.27 -0.06 -26.60
CA ALA D 30 -1.48 -0.13 -28.04
C ALA D 30 -2.77 -0.87 -28.25
N SER D 31 -3.30 -0.88 -29.46
CA SER D 31 -4.54 -1.59 -29.69
C SER D 31 -4.41 -2.47 -30.93
N LEU D 32 -5.23 -3.51 -31.02
CA LEU D 32 -5.21 -4.43 -32.15
C LEU D 32 -6.36 -4.03 -33.09
N ILE D 33 -6.08 -3.69 -34.35
CA ILE D 33 -7.15 -3.29 -35.28
C ILE D 33 -7.56 -4.35 -36.33
N SER D 34 -6.70 -5.35 -36.51
CA SER D 34 -6.92 -6.48 -37.42
C SER D 34 -5.99 -7.59 -36.92
N ASP D 35 -6.00 -8.74 -37.60
CA ASP D 35 -5.13 -9.82 -37.18
C ASP D 35 -3.64 -9.55 -37.38
N ARG D 36 -3.26 -8.45 -38.05
CA ARG D 36 -1.83 -8.18 -38.24
C ARG D 36 -1.31 -6.74 -38.08
N TRP D 37 -2.19 -5.80 -37.76
CA TRP D 37 -1.80 -4.40 -37.56
C TRP D 37 -2.14 -3.95 -36.15
N VAL D 38 -1.24 -3.16 -35.57
CA VAL D 38 -1.39 -2.63 -34.21
C VAL D 38 -1.30 -1.09 -34.23
N LEU D 39 -2.08 -0.41 -33.42
CA LEU D 39 -2.08 1.05 -33.37
C LEU D 39 -1.58 1.61 -32.04
N THR D 40 -0.49 2.38 -32.08
CA THR D 40 0.08 3.06 -30.91
C THR D 40 0.30 4.54 -31.19
N ALA D 41 0.90 5.22 -30.22
CA ALA D 41 1.24 6.61 -30.30
C ALA D 41 2.67 6.65 -30.81
N ALA D 42 2.97 7.56 -31.74
CA ALA D 42 4.31 7.63 -32.31
C ALA D 42 5.40 7.99 -31.33
N HIS D 43 5.09 8.71 -30.26
CA HIS D 43 6.15 9.05 -29.32
C HIS D 43 6.66 7.83 -28.53
N CYS D 44 5.95 6.71 -28.63
CA CYS D 44 6.34 5.47 -27.96
C CYS D 44 7.50 4.84 -28.72
N LEU D 45 7.67 5.23 -29.97
CA LEU D 45 8.71 4.69 -30.83
C LEU D 45 9.77 5.74 -31.14
N LEU D 46 9.35 6.89 -31.65
CA LEU D 46 10.30 7.94 -31.98
C LEU D 46 10.08 9.19 -31.12
N TYR D 47 11.12 9.57 -30.39
CA TYR D 47 11.05 10.76 -29.56
C TYR D 47 12.45 11.27 -29.25
N PRO D 48 13.09 11.92 -30.24
CA PRO D 48 14.44 12.50 -30.17
C PRO D 48 14.87 13.18 -28.86
N PRO D 49 13.96 13.91 -28.18
CA PRO D 49 14.35 14.54 -26.92
C PRO D 49 14.93 13.56 -25.89
N TRP D 50 14.43 12.33 -25.85
CA TRP D 50 14.92 11.30 -24.91
C TRP D 50 15.92 10.38 -25.58
N ASP D 51 16.19 10.64 -26.85
CA ASP D 51 17.09 9.85 -27.69
C ASP D 51 16.41 8.61 -28.24
N LYS D 52 15.24 8.31 -27.72
CA LYS D 52 14.45 7.16 -28.12
C LYS D 52 14.12 7.15 -29.62
N ASN D 53 14.51 6.06 -30.29
CA ASN D 53 14.25 5.87 -31.72
C ASN D 53 14.35 4.37 -31.93
N PHE D 54 13.33 3.65 -31.48
CA PHE D 54 13.30 2.20 -31.59
C PHE D 54 13.05 1.73 -33.01
N THR D 55 13.46 0.50 -33.28
CA THR D 55 13.31 -0.14 -34.57
C THR D 55 12.64 -1.47 -34.25
N VAL D 56 12.33 -2.27 -35.27
CA VAL D 56 11.68 -3.55 -35.02
C VAL D 56 12.49 -4.50 -34.11
N ASP D 57 13.80 -4.31 -34.05
CA ASP D 57 14.62 -5.18 -33.22
C ASP D 57 14.68 -4.74 -31.78
N ASP D 58 14.09 -3.59 -31.47
CA ASP D 58 14.13 -3.06 -30.12
C ASP D 58 12.96 -3.43 -29.21
N LEU D 59 11.95 -4.14 -29.74
CA LEU D 59 10.80 -4.51 -28.92
C LEU D 59 9.93 -5.69 -29.42
N LEU D 60 8.93 -6.05 -28.61
CA LEU D 60 8.00 -7.15 -28.90
C LEU D 60 6.62 -6.68 -28.48
N VAL D 61 5.60 -7.38 -28.92
CA VAL D 61 4.23 -7.02 -28.58
C VAL D 61 3.59 -8.20 -27.81
N ARG D 62 2.96 -7.94 -26.67
CA ARG D 62 2.32 -9.00 -25.89
C ARG D 62 0.83 -8.72 -25.91
N ILE D 63 0.08 -9.69 -26.41
CA ILE D 63 -1.36 -9.58 -26.57
C ILE D 63 -2.11 -10.63 -25.75
N GLY D 64 -3.34 -10.32 -25.35
CA GLY D 64 -4.16 -11.24 -24.59
C GLY D 64 -4.00 -11.16 -23.08
N LYS D 65 -3.03 -10.37 -22.63
CA LYS D 65 -2.72 -10.22 -21.21
C LYS D 65 -3.77 -9.56 -20.33
N HIS D 66 -3.55 -9.68 -19.02
CA HIS D 66 -4.40 -9.12 -18.00
C HIS D 66 -3.50 -8.76 -16.83
N SER D 67 -2.64 -9.70 -16.46
CA SER D 67 -1.67 -9.46 -15.40
C SER D 67 -0.58 -8.67 -16.10
N ARG D 68 -0.05 -7.68 -15.41
CA ARG D 68 0.97 -6.81 -15.95
C ARG D 68 2.35 -7.41 -16.23
N THR D 69 2.70 -8.48 -15.51
CA THR D 69 4.03 -9.09 -15.63
C THR D 69 4.16 -10.58 -15.93
N ARG D 70 3.28 -11.37 -15.30
CA ARG D 70 3.33 -12.80 -15.47
C ARG D 70 3.07 -13.27 -16.87
N TYR D 71 3.79 -14.30 -17.29
CA TYR D 71 3.58 -14.90 -18.60
C TYR D 71 2.34 -15.77 -18.38
N GLU D 72 1.23 -15.36 -18.98
CA GLU D 72 -0.03 -16.07 -18.87
C GLU D 72 -0.18 -17.06 -20.04
N ARG D 73 0.50 -18.19 -19.90
CA ARG D 73 0.55 -19.26 -20.89
C ARG D 73 -0.73 -19.59 -21.63
N LYS D 74 -1.84 -19.69 -20.91
CA LYS D 74 -3.10 -20.03 -21.55
C LYS D 74 -3.79 -18.96 -22.43
N VAL D 75 -3.34 -17.72 -22.35
CA VAL D 75 -3.99 -16.66 -23.12
C VAL D 75 -3.07 -15.76 -23.91
N GLU D 76 -1.93 -15.42 -23.33
CA GLU D 76 -0.98 -14.52 -23.95
C GLU D 76 -0.36 -15.02 -25.24
N LYS D 77 -0.16 -14.10 -26.18
CA LYS D 77 0.47 -14.35 -27.49
C LYS D 77 1.54 -13.29 -27.65
N ILE D 78 2.78 -13.70 -27.83
CA ILE D 78 3.88 -12.78 -27.98
C ILE D 78 4.22 -12.76 -29.46
N SER D 79 4.42 -11.56 -30.00
CA SER D 79 4.71 -11.37 -31.42
C SER D 79 5.78 -10.31 -31.65
N MET D 80 6.46 -10.43 -32.79
CA MET D 80 7.51 -9.48 -33.16
C MET D 80 6.91 -8.60 -34.23
N LEU D 81 7.69 -7.63 -34.69
CA LEU D 81 7.24 -6.68 -35.69
C LEU D 81 7.99 -6.82 -37.00
N ASP D 82 7.31 -6.44 -38.08
CA ASP D 82 7.92 -6.50 -39.40
C ASP D 82 8.29 -5.09 -39.85
N LYS D 83 7.33 -4.16 -39.76
CA LYS D 83 7.56 -2.78 -40.17
C LYS D 83 6.86 -1.80 -39.25
N ILE D 84 7.50 -0.66 -39.02
CA ILE D 84 6.96 0.44 -38.20
C ILE D 84 6.66 1.64 -39.11
N TYR D 85 5.46 2.21 -38.99
CA TYR D 85 5.07 3.38 -39.79
C TYR D 85 4.70 4.51 -38.85
N ILE D 86 5.47 5.60 -38.90
CA ILE D 86 5.20 6.79 -38.07
C ILE D 86 4.73 7.91 -39.01
N HIS D 87 3.69 8.66 -38.60
CA HIS D 87 3.15 9.74 -39.42
C HIS D 87 4.28 10.67 -39.83
N PRO D 88 4.35 11.02 -41.13
CA PRO D 88 5.40 11.89 -41.68
C PRO D 88 5.36 13.29 -41.08
N ARG D 89 4.16 13.77 -40.75
CA ARG D 89 4.03 15.10 -40.18
C ARG D 89 3.72 15.04 -38.70
N TYR D 90 4.31 14.04 -38.04
CA TYR D 90 4.21 13.83 -36.61
C TYR D 90 5.14 14.91 -36.06
N ASN D 91 4.66 15.68 -35.09
CA ASN D 91 5.42 16.79 -34.51
C ASN D 91 5.67 16.55 -33.03
N TRP D 92 6.91 16.23 -32.67
CA TRP D 92 7.28 15.99 -31.28
C TRP D 92 8.02 17.15 -30.67
N LYS D 93 8.40 18.11 -31.51
CA LYS D 93 9.17 19.26 -31.07
C LYS D 93 8.32 20.32 -30.40
N GLU D 94 7.13 20.55 -30.94
CA GLU D 94 6.22 21.55 -30.42
C GLU D 94 5.00 21.08 -29.60
N ASN D 95 4.22 20.15 -30.12
CA ASN D 95 3.03 19.74 -29.40
C ASN D 95 2.53 18.31 -29.61
N LEU D 96 3.40 17.41 -30.06
CA LEU D 96 3.02 16.01 -30.32
C LEU D 96 1.84 15.97 -31.27
N ASP D 97 1.86 16.87 -32.25
CA ASP D 97 0.81 16.97 -33.24
C ASP D 97 0.97 15.73 -34.10
N ARG D 98 -0.14 15.11 -34.48
CA ARG D 98 -0.15 13.88 -35.31
C ARG D 98 0.68 12.77 -34.67
N ASP D 99 0.36 12.49 -33.41
CA ASP D 99 1.05 11.48 -32.61
C ASP D 99 0.35 10.15 -32.87
N ILE D 100 0.70 9.52 -33.98
CA ILE D 100 0.12 8.24 -34.39
C ILE D 100 1.17 7.38 -35.13
N ALA D 101 1.08 6.04 -34.98
CA ALA D 101 2.01 5.11 -35.64
C ALA D 101 1.35 3.75 -35.79
N LEU D 102 1.66 3.07 -36.88
CA LEU D 102 1.12 1.75 -37.16
C LEU D 102 2.23 0.73 -37.12
N LEU D 103 1.94 -0.41 -36.48
CA LEU D 103 2.90 -1.50 -36.35
C LEU D 103 2.34 -2.77 -37.00
N LYS D 104 3.10 -3.34 -37.92
CA LYS D 104 2.69 -4.55 -38.61
C LYS D 104 3.37 -5.76 -37.99
N LEU D 105 2.56 -6.70 -37.50
CA LEU D 105 3.05 -7.93 -36.88
C LEU D 105 3.75 -8.82 -37.90
N LYS D 106 4.87 -9.44 -37.50
CA LYS D 106 5.62 -10.30 -38.42
C LYS D 106 4.79 -11.50 -38.91
N ARG D 107 3.83 -11.96 -38.10
CA ARG D 107 2.95 -13.08 -38.47
C ARG D 107 1.54 -12.79 -37.97
N PRO D 108 0.51 -13.18 -38.73
CA PRO D 108 -0.88 -12.94 -38.33
C PRO D 108 -1.18 -13.61 -37.00
N ILE D 109 -1.87 -12.89 -36.12
CA ILE D 109 -2.24 -13.39 -34.81
C ILE D 109 -3.47 -14.28 -34.92
N GLU D 110 -3.61 -15.22 -33.99
CA GLU D 110 -4.78 -16.09 -34.01
C GLU D 110 -5.72 -15.47 -32.98
N LEU D 111 -6.90 -15.06 -33.44
CA LEU D 111 -7.87 -14.45 -32.54
C LEU D 111 -8.44 -15.45 -31.54
N SER D 112 -9.06 -14.97 -30.48
CA SER D 112 -9.60 -15.84 -29.45
C SER D 112 -10.54 -15.06 -28.53
N ASP D 113 -10.97 -15.71 -27.45
CA ASP D 113 -11.86 -15.08 -26.48
C ASP D 113 -11.21 -13.86 -25.85
N TYR D 114 -9.89 -13.78 -25.93
CA TYR D 114 -9.16 -12.68 -25.33
C TYR D 114 -8.43 -11.79 -26.31
N ILE D 115 -8.52 -12.10 -27.60
CA ILE D 115 -7.79 -11.33 -28.59
C ILE D 115 -8.74 -11.04 -29.70
N HIS D 116 -9.27 -9.82 -29.72
CA HIS D 116 -10.23 -9.42 -30.74
C HIS D 116 -10.04 -7.91 -31.03
N PRO D 117 -10.12 -7.52 -32.32
CA PRO D 117 -9.96 -6.15 -32.83
C PRO D 117 -11.05 -5.13 -32.46
N VAL D 118 -10.67 -3.86 -32.39
CA VAL D 118 -11.62 -2.76 -32.15
C VAL D 118 -11.93 -2.24 -33.54
N CYS D 119 -13.07 -1.56 -33.69
CA CYS D 119 -13.38 -0.98 -34.98
C CYS D 119 -12.90 0.47 -34.98
N LEU D 120 -12.51 0.96 -36.17
CA LEU D 120 -12.11 2.35 -36.35
C LEU D 120 -13.43 3.08 -36.67
N PRO D 121 -13.53 4.37 -36.33
CA PRO D 121 -14.80 5.03 -36.63
C PRO D 121 -14.99 5.40 -38.09
N ASP D 122 -16.23 5.75 -38.42
CA ASP D 122 -16.62 6.18 -39.76
C ASP D 122 -17.30 7.53 -39.56
N LYS D 123 -17.63 8.24 -40.64
CA LYS D 123 -18.30 9.54 -40.57
C LYS D 123 -19.52 9.51 -39.67
N GLN D 124 -20.39 8.52 -39.89
CA GLN D 124 -21.60 8.37 -39.10
C GLN D 124 -21.28 8.36 -37.60
N THR D 125 -20.55 7.33 -37.16
CA THR D 125 -20.16 7.15 -35.76
C THR D 125 -19.34 8.30 -35.19
N ALA D 126 -18.29 8.72 -35.90
CA ALA D 126 -17.45 9.82 -35.42
C ALA D 126 -18.30 11.06 -35.11
N ALA D 127 -19.23 11.35 -36.02
CA ALA D 127 -20.11 12.50 -35.88
C ALA D 127 -21.12 12.40 -34.73
N LYS D 128 -21.87 11.31 -34.70
CA LYS D 128 -22.87 11.14 -33.65
C LYS D 128 -22.36 10.95 -32.22
N LEU D 129 -21.22 10.27 -32.05
CA LEU D 129 -20.67 9.99 -30.71
C LEU D 129 -19.67 10.98 -30.15
N LEU D 130 -18.93 11.65 -31.02
CA LEU D 130 -17.94 12.61 -30.59
C LEU D 130 -18.52 13.95 -30.13
N HIS D 131 -19.29 13.92 -29.03
CA HIS D 131 -19.92 15.13 -28.49
C HIS D 131 -19.61 15.29 -27.01
N ALA D 132 -19.19 16.49 -26.61
CA ALA D 132 -18.84 16.80 -25.21
C ALA D 132 -19.87 16.25 -24.25
N GLY D 133 -19.42 15.83 -23.08
CA GLY D 133 -20.34 15.26 -22.11
C GLY D 133 -20.48 13.76 -22.21
N PHE D 134 -20.20 13.21 -23.39
CA PHE D 134 -20.27 11.77 -23.60
C PHE D 134 -19.03 11.07 -23.01
N LYS D 135 -19.23 9.87 -22.49
CA LYS D 135 -18.14 9.10 -21.89
C LYS D 135 -17.50 8.03 -22.77
N GLY D 136 -16.18 7.95 -22.70
CA GLY D 136 -15.41 6.97 -23.44
C GLY D 136 -14.64 6.20 -22.39
N ARG D 137 -13.76 5.28 -22.78
CA ARG D 137 -13.03 4.48 -21.80
C ARG D 137 -11.56 4.35 -22.09
N VAL D 138 -10.74 4.38 -21.06
CA VAL D 138 -9.29 4.25 -21.21
C VAL D 138 -8.84 3.01 -20.42
N THR D 139 -7.82 2.31 -20.92
CA THR D 139 -7.28 1.12 -20.25
C THR D 139 -5.78 1.08 -20.35
N GLY D 140 -5.13 0.52 -19.34
CA GLY D 140 -3.67 0.40 -19.36
C GLY D 140 -3.10 -0.18 -18.09
N TRP D 141 -1.79 -0.42 -18.08
CA TRP D 141 -1.07 -0.95 -16.91
C TRP D 141 -0.11 0.17 -16.43
N GLY D 142 -0.42 1.41 -16.81
CA GLY D 142 0.41 2.54 -16.42
C GLY D 142 0.15 2.92 -14.97
N ASN D 143 1.05 3.72 -14.40
CA ASN D 143 0.96 4.14 -13.01
C ASN D 143 -0.39 4.56 -12.46
N ARG D 144 -0.55 4.33 -11.17
CA ARG D 144 -1.77 4.68 -10.48
C ARG D 144 -1.58 5.94 -9.64
N ARG D 145 -0.41 6.55 -9.77
CA ARG D 145 -0.05 7.76 -9.05
C ARG D 145 0.89 8.57 -9.90
N GLU D 146 0.95 9.86 -9.61
CA GLU D 146 1.83 10.75 -10.33
C GLU D 146 3.12 10.64 -9.57
N THR D 147 2.98 10.87 -8.27
CA THR D 147 4.06 10.83 -7.31
C THR D 147 4.56 9.41 -7.14
N TRP D 148 5.71 9.09 -7.74
CA TRP D 148 6.26 7.75 -7.61
C TRP D 148 6.61 7.60 -6.11
N THR D 149 5.65 7.03 -5.38
CA THR D 149 5.71 6.81 -3.93
C THR D 149 7.04 6.81 -3.18
N THR D 150 6.97 7.38 -1.98
CA THR D 150 8.08 7.48 -1.03
C THR D 150 7.34 7.56 0.32
N SER D 151 6.09 7.11 0.30
CA SER D 151 5.22 7.16 1.46
C SER D 151 3.98 6.28 1.30
N VAL D 152 2.82 6.92 1.08
CA VAL D 152 1.50 6.30 0.92
C VAL D 152 1.31 4.81 0.53
N ALA D 153 1.44 4.49 -0.76
CA ALA D 153 1.26 3.12 -1.23
C ALA D 153 2.02 2.78 -2.53
N GLU D 154 1.40 2.01 -3.42
CA GLU D 154 2.06 1.61 -4.67
C GLU D 154 1.48 2.18 -5.97
N VAL D 155 2.39 2.45 -6.90
CA VAL D 155 2.05 3.00 -8.18
C VAL D 155 1.62 1.98 -9.23
N GLN D 156 2.49 1.02 -9.54
CA GLN D 156 2.24 -0.01 -10.55
C GLN D 156 1.11 -0.99 -10.28
N PRO D 157 0.12 -1.05 -11.17
CA PRO D 157 -0.99 -1.97 -10.95
C PRO D 157 -0.56 -3.42 -11.20
N SER D 158 -1.37 -4.36 -10.71
CA SER D 158 -1.13 -5.80 -10.87
C SER D 158 -1.79 -6.38 -12.12
N VAL D 159 -2.98 -5.85 -12.44
CA VAL D 159 -3.73 -6.27 -13.61
C VAL D 159 -4.23 -5.02 -14.35
N LEU D 160 -4.69 -5.19 -15.57
CA LEU D 160 -5.20 -4.07 -16.38
C LEU D 160 -6.25 -3.21 -15.66
N GLN D 161 -6.06 -1.89 -15.68
CA GLN D 161 -6.97 -0.91 -15.06
C GLN D 161 -7.92 -0.33 -16.11
N VAL D 162 -9.10 0.11 -15.70
CA VAL D 162 -10.06 0.72 -16.60
C VAL D 162 -10.66 1.94 -15.94
N VAL D 163 -11.05 2.93 -16.74
CA VAL D 163 -11.67 4.15 -16.25
C VAL D 163 -12.48 4.74 -17.39
N ASN D 164 -13.63 5.34 -17.06
CA ASN D 164 -14.48 5.97 -18.07
C ASN D 164 -14.34 7.48 -17.91
N LEU D 165 -14.23 8.20 -19.03
CA LEU D 165 -14.04 9.66 -19.00
C LEU D 165 -14.90 10.42 -20.03
N PRO D 166 -15.42 11.59 -19.62
CA PRO D 166 -16.26 12.43 -20.49
C PRO D 166 -15.42 13.28 -21.42
N LEU D 167 -15.89 13.45 -22.65
CA LEU D 167 -15.19 14.28 -23.61
C LEU D 167 -15.53 15.71 -23.19
N VAL D 168 -14.55 16.62 -23.23
CA VAL D 168 -14.81 18.02 -22.89
C VAL D 168 -14.78 18.93 -24.13
N GLU D 169 -15.45 20.07 -24.02
CA GLU D 169 -15.55 21.06 -25.07
C GLU D 169 -14.17 21.61 -25.41
N ARG D 170 -13.86 21.73 -26.69
CA ARG D 170 -12.54 22.24 -27.11
C ARG D 170 -12.05 23.53 -26.45
N PRO D 171 -12.94 24.51 -26.22
CA PRO D 171 -12.48 25.73 -25.57
C PRO D 171 -11.89 25.45 -24.20
N VAL D 172 -12.58 24.62 -23.41
CA VAL D 172 -12.12 24.25 -22.07
C VAL D 172 -10.73 23.57 -22.14
N CYS D 173 -10.54 22.75 -23.17
CA CYS D 173 -9.27 22.08 -23.36
C CYS D 173 -8.22 23.13 -23.62
N LYS D 174 -8.48 24.00 -24.60
CA LYS D 174 -7.54 25.08 -24.97
C LYS D 174 -7.16 26.02 -23.81
N ALA D 175 -8.14 26.35 -22.98
CA ALA D 175 -7.94 27.21 -21.83
C ALA D 175 -7.21 26.51 -20.70
N SER D 176 -7.28 25.18 -20.68
CA SER D 176 -6.65 24.39 -19.61
C SER D 176 -5.15 24.28 -19.69
N THR D 177 -4.59 24.40 -20.89
CA THR D 177 -3.14 24.28 -21.02
C THR D 177 -2.55 25.45 -21.78
N ARG D 178 -1.30 25.74 -21.49
CA ARG D 178 -0.60 26.81 -22.15
C ARG D 178 0.16 26.19 -23.33
N ILE D 179 -0.43 25.19 -23.99
CA ILE D 179 0.21 24.51 -25.13
C ILE D 179 -0.67 24.60 -26.36
N ARG D 180 -0.06 24.80 -27.53
CA ARG D 180 -0.83 24.91 -28.75
C ARG D 180 -1.51 23.62 -29.14
N ILE D 181 -2.82 23.59 -28.97
CA ILE D 181 -3.66 22.45 -29.31
C ILE D 181 -3.72 22.35 -30.84
N THR D 182 -4.44 21.36 -31.35
CA THR D 182 -4.56 21.09 -32.76
C THR D 182 -5.87 20.35 -32.96
N ASP D 183 -6.34 20.20 -34.19
CA ASP D 183 -7.59 19.50 -34.43
C ASP D 183 -7.32 18.00 -34.44
N ASN D 184 -6.03 17.66 -34.38
CA ASN D 184 -5.57 16.28 -34.38
C ASN D 184 -5.43 15.76 -32.94
N MET D 185 -6.22 16.30 -32.03
CA MET D 185 -6.19 15.86 -30.63
C MET D 185 -7.43 16.36 -29.90
N PHE D 186 -7.86 15.63 -28.88
CA PHE D 186 -9.00 16.02 -28.09
C PHE D 186 -8.65 15.85 -26.63
N CYS D 187 -9.54 16.16 -25.71
CA CYS D 187 -9.21 16.03 -24.31
C CYS D 187 -10.40 15.56 -23.51
N ALA D 188 -10.15 14.84 -22.42
CA ALA D 188 -11.24 14.30 -21.59
C ALA D 188 -10.82 14.23 -20.14
N GLY D 189 -11.82 14.21 -19.28
CA GLY D 189 -11.57 14.19 -17.86
C GLY D 189 -12.67 15.00 -17.24
N TYR D 190 -12.82 14.87 -15.92
CA TYR D 190 -13.85 15.58 -15.19
C TYR D 190 -13.37 16.97 -14.86
N LYS D 191 -14.30 17.92 -14.78
CA LYS D 191 -14.00 19.30 -14.43
C LYS D 191 -13.93 19.30 -12.90
N PRO D 192 -13.17 20.23 -12.30
CA PRO D 192 -13.08 20.25 -10.83
C PRO D 192 -14.46 20.36 -10.19
N GLY D 193 -14.62 19.66 -9.06
CA GLY D 193 -15.89 19.66 -8.36
C GLY D 193 -17.02 18.94 -9.07
N GLU D 194 -16.70 18.17 -10.11
CA GLU D 194 -17.74 17.44 -10.85
C GLU D 194 -18.10 16.11 -10.18
N GLY D 195 -17.44 15.82 -9.06
CA GLY D 195 -17.73 14.60 -8.33
C GLY D 195 -16.79 13.42 -8.55
N LYS D 196 -16.31 13.22 -9.77
CA LYS D 196 -15.43 12.09 -10.03
C LYS D 196 -14.04 12.51 -10.44
N ARG D 197 -13.15 11.53 -10.54
CA ARG D 197 -11.75 11.75 -10.96
C ARG D 197 -11.36 10.66 -11.95
N GLY D 198 -10.08 10.61 -12.33
CA GLY D 198 -9.63 9.58 -13.25
C GLY D 198 -8.84 10.16 -14.40
N ASP D 199 -7.76 9.49 -14.79
CA ASP D 199 -6.94 9.99 -15.88
C ASP D 199 -5.87 8.97 -16.30
N ALA D 200 -5.35 9.08 -17.52
CA ALA D 200 -4.29 8.21 -17.98
C ALA D 200 -3.07 8.63 -17.16
N CYS D 201 -1.96 7.92 -17.29
CA CYS D 201 -0.76 8.27 -16.53
C CYS D 201 0.42 7.52 -17.16
N GLU D 202 1.64 7.79 -16.73
CA GLU D 202 2.81 7.19 -17.35
C GLU D 202 2.69 5.70 -17.57
N GLY D 203 2.94 5.29 -18.81
CA GLY D 203 2.86 3.89 -19.17
C GLY D 203 1.59 3.59 -19.92
N ASP D 204 0.63 4.52 -19.91
CA ASP D 204 -0.63 4.33 -20.64
C ASP D 204 -0.62 4.79 -22.11
N SER D 205 0.37 5.59 -22.51
CA SER D 205 0.49 6.09 -23.89
C SER D 205 0.23 5.02 -24.92
N GLY D 206 -0.35 5.42 -26.05
CA GLY D 206 -0.63 4.46 -27.08
C GLY D 206 -1.84 3.63 -26.76
N GLY D 207 -2.31 3.72 -25.52
CA GLY D 207 -3.48 2.96 -25.11
C GLY D 207 -4.71 3.47 -25.83
N PRO D 208 -5.74 2.64 -26.00
CA PRO D 208 -6.93 3.11 -26.69
C PRO D 208 -7.96 3.84 -25.82
N PHE D 209 -8.73 4.72 -26.48
CA PHE D 209 -9.81 5.49 -25.86
C PHE D 209 -10.94 5.02 -26.74
N VAL D 210 -11.87 4.27 -26.17
CA VAL D 210 -12.97 3.70 -26.94
C VAL D 210 -14.35 4.11 -26.49
N MET D 211 -15.32 3.90 -27.38
CA MET D 211 -16.71 4.22 -27.12
C MET D 211 -17.59 3.14 -27.72
N LYS D 212 -18.64 2.76 -27.00
CA LYS D 212 -19.57 1.73 -27.42
C LYS D 212 -20.74 2.35 -28.15
N SER D 213 -21.00 1.89 -29.38
CA SER D 213 -22.10 2.44 -30.18
C SER D 213 -23.48 1.86 -29.85
N PRO D 214 -24.49 2.71 -29.61
CA PRO D 214 -25.82 2.18 -29.28
C PRO D 214 -26.54 1.75 -30.55
N TYR D 215 -25.97 2.14 -31.70
CA TYR D 215 -26.56 1.84 -33.00
C TYR D 215 -26.28 0.42 -33.47
N ASN D 216 -25.10 -0.11 -33.12
CA ASN D 216 -24.75 -1.48 -33.52
C ASN D 216 -24.00 -2.28 -32.47
N ASN D 217 -23.88 -1.73 -31.26
CA ASN D 217 -23.21 -2.38 -30.13
C ASN D 217 -21.75 -2.82 -30.25
N ARG D 218 -21.00 -2.15 -31.11
CA ARG D 218 -19.60 -2.45 -31.31
C ARG D 218 -18.76 -1.38 -30.65
N TRP D 219 -17.50 -1.69 -30.39
CA TRP D 219 -16.58 -0.76 -29.77
C TRP D 219 -15.71 -0.13 -30.86
N TYR D 220 -15.74 1.20 -30.90
CA TYR D 220 -14.97 1.97 -31.88
C TYR D 220 -13.87 2.64 -31.13
N GLN D 221 -12.69 2.72 -31.73
CA GLN D 221 -11.57 3.39 -31.09
C GLN D 221 -11.52 4.83 -31.62
N MET D 222 -11.77 5.81 -30.73
CA MET D 222 -11.78 7.22 -31.10
C MET D 222 -10.45 7.93 -30.85
N GLY D 223 -9.77 7.57 -29.77
CA GLY D 223 -8.49 8.19 -29.48
C GLY D 223 -7.39 7.24 -29.01
N ILE D 224 -6.17 7.78 -28.94
CA ILE D 224 -4.97 7.08 -28.52
C ILE D 224 -4.42 7.95 -27.38
N VAL D 225 -4.20 7.37 -26.21
CA VAL D 225 -3.67 8.13 -25.07
C VAL D 225 -2.35 8.77 -25.53
N SER D 226 -2.18 10.07 -25.29
CA SER D 226 -0.97 10.76 -25.75
C SER D 226 -0.13 11.54 -24.75
N TRP D 227 -0.67 12.61 -24.19
CA TRP D 227 0.09 13.45 -23.25
C TRP D 227 -0.80 14.16 -22.23
N GLY D 228 -0.16 14.78 -21.23
CA GLY D 228 -0.93 15.49 -20.23
C GLY D 228 -0.02 16.24 -19.30
N GLU D 229 -0.59 17.11 -18.48
CA GLU D 229 0.18 17.89 -17.51
C GLU D 229 -0.11 17.22 -16.17
N GLY D 230 0.80 16.34 -15.76
CA GLY D 230 0.57 15.58 -14.54
C GLY D 230 -0.57 14.58 -14.75
N CYS D 231 -0.88 13.80 -13.72
CA CYS D 231 -1.96 12.81 -13.81
C CYS D 231 -3.02 13.18 -12.79
N ASP D 232 -4.27 13.20 -13.22
CA ASP D 232 -5.42 13.52 -12.38
C ASP D 232 -5.36 14.84 -11.63
N ARG D 233 -4.84 15.87 -12.30
CA ARG D 233 -4.75 17.22 -11.74
C ARG D 233 -6.00 18.06 -11.95
N ASP D 234 -6.35 18.85 -10.95
CA ASP D 234 -7.53 19.71 -11.01
C ASP D 234 -7.34 20.76 -12.08
N GLY D 235 -8.38 21.00 -12.86
CA GLY D 235 -8.27 21.98 -13.90
C GLY D 235 -7.41 21.57 -15.08
N LYS D 236 -6.74 20.41 -15.00
CA LYS D 236 -5.95 19.90 -16.11
C LYS D 236 -6.73 18.74 -16.72
N TYR D 237 -6.48 18.45 -18.00
CA TYR D 237 -7.19 17.36 -18.72
C TYR D 237 -6.20 16.50 -19.48
N GLY D 238 -6.68 15.37 -20.00
CA GLY D 238 -5.80 14.48 -20.75
C GLY D 238 -6.04 14.64 -22.23
N PHE D 239 -4.96 14.69 -23.01
CA PHE D 239 -5.02 14.84 -24.46
C PHE D 239 -4.80 13.55 -25.25
N TYR D 240 -5.70 13.29 -26.19
CA TYR D 240 -5.70 12.09 -27.00
C TYR D 240 -5.69 12.35 -28.49
N THR D 241 -4.82 11.66 -29.23
CA THR D 241 -4.74 11.78 -30.69
C THR D 241 -6.13 11.54 -31.28
N HIS D 242 -6.56 12.39 -32.21
CA HIS D 242 -7.88 12.25 -32.84
C HIS D 242 -7.76 11.22 -33.95
N VAL D 243 -8.29 10.02 -33.72
CA VAL D 243 -8.17 8.94 -34.69
C VAL D 243 -8.89 9.08 -36.00
N PHE D 244 -10.12 9.56 -35.99
CA PHE D 244 -10.86 9.74 -37.24
C PHE D 244 -10.16 10.77 -38.14
N ARG D 245 -9.74 11.88 -37.54
CA ARG D 245 -9.04 12.93 -38.27
C ARG D 245 -7.85 12.38 -39.06
N LEU D 246 -7.31 11.25 -38.62
CA LEU D 246 -6.17 10.67 -39.31
C LEU D 246 -6.42 9.33 -40.01
N LYS D 247 -7.68 8.90 -40.09
CA LYS D 247 -8.03 7.62 -40.71
C LYS D 247 -7.61 7.45 -42.18
N LYS D 248 -7.28 8.55 -42.84
CA LYS D 248 -6.89 8.51 -44.25
C LYS D 248 -5.48 8.01 -44.39
N TRP D 249 -4.61 8.46 -43.49
CA TRP D 249 -3.22 8.02 -43.53
C TRP D 249 -3.22 6.55 -43.17
N ILE D 250 -4.02 6.17 -42.16
CA ILE D 250 -4.14 4.77 -41.76
C ILE D 250 -4.45 3.98 -43.03
N GLN D 251 -5.48 4.42 -43.77
CA GLN D 251 -5.87 3.75 -45.00
C GLN D 251 -4.80 3.80 -46.08
N LYS D 252 -4.11 4.94 -46.16
CA LYS D 252 -3.06 5.10 -47.15
C LYS D 252 -1.94 4.08 -46.91
N VAL D 253 -1.60 3.85 -45.65
CA VAL D 253 -0.55 2.90 -45.28
C VAL D 253 -0.97 1.43 -45.45
N ILE D 254 -2.10 1.05 -44.89
CA ILE D 254 -2.59 -0.32 -45.00
C ILE D 254 -2.99 -0.76 -46.40
N ASP D 255 -3.88 0.01 -47.05
CA ASP D 255 -4.41 -0.32 -48.38
C ASP D 255 -3.55 -0.17 -49.64
N ARG D 256 -2.52 0.66 -49.58
CA ARG D 256 -1.66 0.81 -50.76
C ARG D 256 -0.18 0.64 -50.41
N LEU D 257 0.36 1.59 -49.65
CA LEU D 257 1.77 1.54 -49.27
C LEU D 257 2.01 0.73 -47.99
N GLY D 258 1.79 -0.58 -48.07
CA GLY D 258 1.99 -1.44 -46.92
C GLY D 258 2.00 -2.90 -47.29
N SER D 259 0.82 -3.44 -47.59
CA SER D 259 0.64 -4.85 -47.96
C SER D 259 0.65 -5.78 -46.75
N GLU E 1 -13.76 -17.69 42.73
CA GLU E 1 -13.73 -18.67 41.61
C GLU E 1 -12.29 -19.16 41.48
N GLY E 2 -12.03 -20.05 40.53
CA GLY E 2 -10.69 -20.57 40.31
C GLY E 2 -9.85 -19.58 39.52
N GLY E 3 -9.23 -20.05 38.44
CA GLY E 3 -8.40 -19.19 37.63
C GLY E 3 -8.95 -18.87 36.26
N GLU E 4 -9.27 -19.91 35.50
CA GLU E 4 -9.81 -19.76 34.14
C GLU E 4 -10.74 -18.57 33.85
N PRO E 5 -11.79 -18.36 34.68
CA PRO E 5 -12.72 -17.24 34.48
C PRO E 5 -12.08 -15.86 34.59
N CYS E 6 -11.11 -15.71 35.48
CA CYS E 6 -10.43 -14.44 35.65
C CYS E 6 -9.11 -14.34 34.93
N ALA E 7 -8.74 -15.38 34.20
CA ALA E 7 -7.53 -15.31 33.42
C ALA E 7 -8.04 -14.44 32.26
N CYS E 8 -7.64 -13.17 32.26
CA CYS E 8 -8.08 -12.23 31.25
C CYS E 8 -6.93 -11.51 30.58
N PRO E 9 -7.05 -11.25 29.26
CA PRO E 9 -6.02 -10.55 28.49
C PRO E 9 -6.18 -9.12 28.97
N HIS E 10 -5.07 -8.40 29.06
CA HIS E 10 -5.08 -7.01 29.54
C HIS E 10 -5.42 -5.91 28.52
N ALA E 11 -6.39 -6.16 27.66
CA ALA E 11 -6.77 -5.20 26.64
C ALA E 11 -8.07 -4.50 27.03
N LEU E 12 -8.27 -3.30 26.49
CA LEU E 12 -9.50 -2.57 26.78
C LEU E 12 -10.47 -2.86 25.65
N HIS E 13 -11.70 -3.11 26.02
CA HIS E 13 -12.78 -3.40 25.09
C HIS E 13 -13.99 -3.23 25.97
N ARG E 14 -14.12 -2.02 26.51
CA ARG E 14 -15.18 -1.67 27.42
C ARG E 14 -16.55 -2.01 26.91
N VAL E 15 -17.39 -2.42 27.85
CA VAL E 15 -18.77 -2.76 27.57
C VAL E 15 -19.53 -2.33 28.82
N CYS E 16 -20.84 -2.24 28.71
CA CYS E 16 -21.67 -1.84 29.84
C CYS E 16 -22.53 -3.02 30.27
N GLY E 17 -22.41 -3.39 31.54
CA GLY E 17 -23.14 -4.53 32.08
C GLY E 17 -24.45 -4.23 32.77
N SER E 18 -25.23 -5.29 32.98
CA SER E 18 -26.55 -5.21 33.62
C SER E 18 -26.56 -4.42 34.93
N ASP E 19 -25.43 -4.40 35.64
CA ASP E 19 -25.37 -3.68 36.90
C ASP E 19 -25.13 -2.17 36.77
N GLY E 20 -25.04 -1.69 35.54
CA GLY E 20 -24.82 -0.27 35.30
C GLY E 20 -23.40 0.15 35.60
N GLU E 21 -22.48 -0.78 35.41
CA GLU E 21 -21.07 -0.52 35.65
C GLU E 21 -20.31 -0.90 34.41
N THR E 22 -19.29 -0.11 34.09
CA THR E 22 -18.46 -0.37 32.92
C THR E 22 -17.42 -1.44 33.26
N TYR E 23 -17.23 -2.37 32.33
CA TYR E 23 -16.27 -3.43 32.50
C TYR E 23 -15.17 -3.27 31.44
N SER E 24 -13.91 -3.41 31.84
CA SER E 24 -12.76 -3.23 30.94
C SER E 24 -12.82 -4.04 29.66
N ASN E 25 -13.48 -5.19 29.73
CA ASN E 25 -13.63 -6.06 28.57
C ASN E 25 -14.59 -7.17 28.97
N PRO E 26 -15.09 -7.94 27.99
CA PRO E 26 -16.02 -9.03 28.29
C PRO E 26 -15.48 -10.03 29.32
N CYS E 27 -14.19 -10.37 29.23
CA CYS E 27 -13.55 -11.30 30.16
C CYS E 27 -13.68 -10.76 31.58
N THR E 28 -13.53 -9.45 31.73
CA THR E 28 -13.64 -8.76 33.01
C THR E 28 -15.06 -8.90 33.53
N LEU E 29 -16.04 -8.85 32.62
CA LEU E 29 -17.43 -8.96 33.00
C LEU E 29 -17.79 -10.39 33.41
N ASN E 30 -17.31 -11.37 32.65
CA ASN E 30 -17.60 -12.77 32.96
C ASN E 30 -16.94 -13.20 34.25
N CYS E 31 -15.68 -12.84 34.44
CA CYS E 31 -14.97 -13.20 35.66
C CYS E 31 -15.72 -12.70 36.89
N ALA E 32 -16.43 -11.58 36.77
CA ALA E 32 -17.20 -11.02 37.89
C ALA E 32 -18.48 -11.82 38.15
N LYS E 33 -19.11 -12.27 37.06
CA LYS E 33 -20.33 -13.06 37.12
C LYS E 33 -20.10 -14.28 37.98
N PHE E 34 -19.01 -14.98 37.69
CA PHE E 34 -18.63 -16.20 38.42
C PHE E 34 -18.01 -15.87 39.78
N ASN E 35 -18.34 -14.71 40.35
CA ASN E 35 -17.79 -14.32 41.63
C ASN E 35 -18.68 -13.37 42.42
N GLY E 36 -19.98 -13.61 42.39
CA GLY E 36 -20.89 -12.78 43.14
C GLY E 36 -22.16 -12.38 42.42
N LYS E 37 -22.05 -11.97 41.16
CA LYS E 37 -23.21 -11.51 40.40
C LYS E 37 -23.61 -12.42 39.23
N PRO E 38 -24.31 -13.52 39.52
CA PRO E 38 -24.74 -14.42 38.44
C PRO E 38 -25.82 -13.84 37.51
N GLU E 39 -26.33 -12.67 37.86
CA GLU E 39 -27.33 -11.98 37.05
C GLU E 39 -26.64 -11.05 36.03
N LEU E 40 -25.34 -10.84 36.23
CA LEU E 40 -24.56 -9.96 35.37
C LEU E 40 -24.55 -10.45 33.93
N VAL E 41 -24.82 -9.53 33.02
CA VAL E 41 -24.83 -9.82 31.59
C VAL E 41 -24.59 -8.50 30.85
N LYS E 42 -24.05 -8.57 29.64
CA LYS E 42 -23.77 -7.36 28.88
C LYS E 42 -25.00 -6.72 28.27
N VAL E 43 -25.13 -5.42 28.50
CA VAL E 43 -26.24 -4.65 27.99
C VAL E 43 -25.86 -4.15 26.59
N HIS E 44 -24.73 -3.47 26.52
CA HIS E 44 -24.25 -2.91 25.24
C HIS E 44 -22.74 -2.73 25.32
N ASP E 45 -22.14 -2.40 24.19
CA ASP E 45 -20.71 -2.15 24.12
C ASP E 45 -20.47 -0.72 24.54
N GLY E 46 -19.22 -0.35 24.82
CA GLY E 46 -18.96 1.01 25.24
C GLY E 46 -19.30 1.17 26.71
N PRO E 47 -18.76 2.20 27.36
CA PRO E 47 -19.00 2.46 28.78
C PRO E 47 -20.47 2.76 29.02
N CYS E 48 -20.92 2.58 30.26
CA CYS E 48 -22.30 2.87 30.57
C CYS E 48 -22.61 4.35 30.34
N GLU E 49 -21.76 5.22 30.90
CA GLU E 49 -21.92 6.66 30.74
C GLU E 49 -20.80 7.14 29.84
N PRO E 50 -21.05 8.18 29.04
CA PRO E 50 -20.05 8.73 28.13
C PRO E 50 -18.87 9.32 28.89
N ASP E 51 -17.75 9.46 28.19
CA ASP E 51 -16.54 10.01 28.78
C ASP E 51 -16.53 11.53 28.72
N GLU E 52 -15.75 12.15 29.61
CA GLU E 52 -15.62 13.61 29.66
C GLU E 52 -15.16 14.06 28.30
N ASP E 53 -15.88 15.03 27.73
CA ASP E 53 -15.56 15.56 26.40
C ASP E 53 -14.35 16.49 26.49
N GLU E 54 -13.27 15.95 27.05
CA GLU E 54 -12.03 16.66 27.24
C GLU E 54 -11.64 17.46 26.00
N ASP E 55 -11.01 18.62 26.26
CA ASP E 55 -10.56 19.52 25.20
C ASP E 55 -9.20 18.98 24.74
N VAL E 56 -9.23 18.00 23.86
CA VAL E 56 -8.00 17.38 23.37
C VAL E 56 -7.22 18.20 22.36
N CYS E 57 -7.84 19.25 21.80
CA CYS E 57 -7.15 20.06 20.80
C CYS E 57 -6.68 21.42 21.29
N GLN E 58 -6.78 21.66 22.59
CA GLN E 58 -6.40 22.94 23.16
C GLN E 58 -5.05 23.48 22.76
N GLU E 59 -4.12 22.61 22.39
CA GLU E 59 -2.80 23.10 22.02
C GLU E 59 -2.86 23.85 20.69
N CYS E 60 -3.94 23.64 19.96
CA CYS E 60 -4.13 24.30 18.66
C CYS E 60 -4.66 25.71 18.86
N ASP E 61 -5.33 25.93 19.99
CA ASP E 61 -5.89 27.24 20.36
C ASP E 61 -4.98 28.43 20.04
N GLY E 62 -5.55 29.40 19.34
CA GLY E 62 -4.83 30.62 18.98
C GLY E 62 -4.11 30.56 17.66
N ASP E 63 -3.95 29.36 17.12
CA ASP E 63 -3.26 29.20 15.86
C ASP E 63 -3.80 30.07 14.73
N GLU E 64 -2.91 30.59 13.92
CA GLU E 64 -3.32 31.44 12.82
C GLU E 64 -4.14 30.65 11.81
N TYR E 65 -5.12 31.33 11.22
CA TYR E 65 -5.98 30.73 10.23
C TYR E 65 -5.18 30.58 8.93
N LYS E 66 -5.08 29.34 8.47
CA LYS E 66 -4.43 28.96 7.22
C LYS E 66 -5.16 27.67 6.88
N PRO E 67 -6.30 27.76 6.19
CA PRO E 67 -7.04 26.56 5.85
C PRO E 67 -6.32 25.53 5.00
N VAL E 68 -6.62 24.28 5.30
CA VAL E 68 -6.07 23.12 4.63
C VAL E 68 -7.30 22.27 4.38
N CYS E 69 -7.31 21.55 3.28
CA CYS E 69 -8.46 20.71 2.95
C CYS E 69 -8.14 19.26 3.28
N GLY E 70 -8.99 18.63 4.08
CA GLY E 70 -8.76 17.25 4.44
C GLY E 70 -9.41 16.21 3.54
N SER E 71 -8.81 15.02 3.49
CA SER E 71 -9.33 13.92 2.68
C SER E 71 -10.81 13.64 2.94
N ASP E 72 -11.34 14.20 4.00
CA ASP E 72 -12.74 14.03 4.34
C ASP E 72 -13.59 15.10 3.67
N ASP E 73 -12.96 15.94 2.85
CA ASP E 73 -13.64 17.04 2.18
C ASP E 73 -14.25 18.04 3.17
N ILE E 74 -13.45 18.39 4.17
CA ILE E 74 -13.82 19.34 5.20
C ILE E 74 -12.63 20.25 5.30
N THR E 75 -12.91 21.55 5.35
CA THR E 75 -11.86 22.56 5.44
C THR E 75 -11.53 22.83 6.91
N TYR E 76 -10.24 22.91 7.22
CA TYR E 76 -9.78 23.13 8.57
C TYR E 76 -9.03 24.42 8.65
N ASP E 77 -9.19 25.10 9.77
CA ASP E 77 -8.55 26.36 9.97
C ASP E 77 -7.03 26.30 9.90
N ASN E 78 -6.45 25.12 10.06
CA ASN E 78 -4.99 24.96 10.00
C ASN E 78 -4.64 23.49 10.15
N ASN E 79 -3.37 23.14 10.05
CA ASN E 79 -2.97 21.74 10.17
C ASN E 79 -3.20 21.21 11.59
N CYS E 80 -2.88 21.99 12.60
CA CYS E 80 -3.08 21.56 13.96
C CYS E 80 -4.49 21.01 14.17
N ARG E 81 -5.48 21.63 13.56
CA ARG E 81 -6.87 21.17 13.72
C ARG E 81 -7.15 19.92 12.92
N LEU E 82 -6.42 19.75 11.81
CA LEU E 82 -6.58 18.59 10.93
C LEU E 82 -6.05 17.37 11.65
N GLU E 83 -4.78 17.45 12.07
CA GLU E 83 -4.13 16.37 12.76
C GLU E 83 -4.84 16.05 14.05
N CYS E 84 -5.39 17.06 14.69
CA CYS E 84 -6.11 16.81 15.91
C CYS E 84 -7.43 16.15 15.63
N ALA E 85 -7.94 16.34 14.42
CA ALA E 85 -9.22 15.76 14.05
C ALA E 85 -9.05 14.27 13.74
N SER E 86 -7.85 13.88 13.29
CA SER E 86 -7.58 12.50 12.96
C SER E 86 -7.68 11.49 14.10
N ILE E 87 -7.83 11.97 15.33
CA ILE E 87 -7.96 11.09 16.49
C ILE E 87 -9.22 11.49 17.25
N SER E 88 -10.05 12.30 16.63
CA SER E 88 -11.27 12.74 17.29
C SER E 88 -12.43 12.91 16.32
N SER E 89 -12.70 14.14 15.91
CA SER E 89 -13.82 14.46 15.02
C SER E 89 -13.90 13.72 13.70
N SER E 90 -12.76 13.48 13.08
CA SER E 90 -12.72 12.82 11.80
C SER E 90 -11.55 11.82 11.81
N PRO E 91 -11.73 10.69 12.53
CA PRO E 91 -10.71 9.65 12.67
C PRO E 91 -10.01 9.27 11.38
N GLY E 92 -8.70 9.51 11.36
CA GLY E 92 -7.90 9.16 10.21
C GLY E 92 -7.68 10.18 9.12
N VAL E 93 -8.30 11.37 9.20
CA VAL E 93 -8.13 12.39 8.15
C VAL E 93 -6.70 12.70 7.78
N GLU E 94 -6.50 13.07 6.52
CA GLU E 94 -5.18 13.40 6.01
C GLU E 94 -5.22 14.63 5.15
N LEU E 95 -4.11 15.37 5.12
CA LEU E 95 -4.05 16.57 4.31
C LEU E 95 -4.10 16.23 2.81
N LYS E 96 -5.19 16.63 2.17
CA LYS E 96 -5.38 16.41 0.75
C LYS E 96 -4.59 17.49 0.01
N HIS E 97 -4.97 18.75 0.23
CA HIS E 97 -4.29 19.90 -0.38
C HIS E 97 -4.50 21.14 0.47
N GLU E 98 -3.58 22.11 0.33
CA GLU E 98 -3.69 23.36 1.06
C GLU E 98 -4.86 24.18 0.53
N GLY E 99 -5.31 25.17 1.31
CA GLY E 99 -6.42 25.99 0.87
C GLY E 99 -7.73 25.29 1.13
N PRO E 100 -8.88 25.97 0.97
CA PRO E 100 -10.19 25.36 1.22
C PRO E 100 -10.53 24.23 0.28
N CYS E 101 -11.51 23.41 0.70
CA CYS E 101 -11.96 22.30 -0.10
C CYS E 101 -12.76 22.82 -1.29
N ARG E 102 -12.42 22.31 -2.48
CA ARG E 102 -13.04 22.72 -3.73
C ARG E 102 -14.24 21.86 -4.08
N THR E 103 -15.11 21.62 -3.11
CA THR E 103 -16.29 20.80 -3.37
C THR E 103 -17.45 21.37 -2.56
N GLU F 1 4.13 27.18 -10.84
CA GLU F 1 4.06 27.67 -12.25
C GLU F 1 2.77 27.11 -12.86
N GLY F 2 2.51 27.44 -14.12
CA GLY F 2 1.32 26.93 -14.80
C GLY F 2 1.46 25.46 -15.16
N GLY F 3 2.70 24.97 -15.11
CA GLY F 3 2.95 23.58 -15.43
C GLY F 3 3.30 23.35 -16.88
N GLU F 4 3.93 24.34 -17.51
CA GLU F 4 4.36 24.23 -18.91
C GLU F 4 5.41 23.12 -19.13
N PRO F 5 6.27 22.83 -18.11
CA PRO F 5 7.29 21.77 -18.26
C PRO F 5 6.78 20.45 -17.63
N CYS F 6 5.47 20.36 -17.43
CA CYS F 6 4.84 19.18 -16.87
C CYS F 6 3.89 18.57 -17.86
N ALA F 7 3.89 19.12 -19.07
CA ALA F 7 3.07 18.58 -20.12
C ALA F 7 4.02 17.55 -20.70
N CYS F 8 3.82 16.32 -20.30
CA CYS F 8 4.67 15.24 -20.73
C CYS F 8 3.92 14.15 -21.44
N PRO F 9 4.57 13.51 -22.41
CA PRO F 9 3.93 12.42 -23.15
C PRO F 9 3.84 11.34 -22.08
N HIS F 10 2.74 10.61 -22.07
CA HIS F 10 2.49 9.57 -21.06
C HIS F 10 3.20 8.21 -21.25
N ALA F 11 4.47 8.21 -21.60
CA ALA F 11 5.21 6.97 -21.81
C ALA F 11 6.25 6.73 -20.72
N LEU F 12 6.54 5.46 -20.46
CA LEU F 12 7.54 5.08 -19.48
C LEU F 12 8.89 4.98 -20.14
N HIS F 13 9.89 5.47 -19.43
CA HIS F 13 11.27 5.48 -19.90
C HIS F 13 12.04 5.89 -18.66
N ARG F 14 11.86 5.11 -17.60
CA ARG F 14 12.47 5.37 -16.31
C ARG F 14 13.93 5.71 -16.29
N VAL F 15 14.24 6.70 -15.46
CA VAL F 15 15.60 7.20 -15.25
C VAL F 15 15.76 7.38 -13.75
N CYS F 16 16.99 7.35 -13.30
CA CYS F 16 17.28 7.52 -11.89
C CYS F 16 17.72 8.96 -11.68
N GLY F 17 16.89 9.71 -10.96
CA GLY F 17 17.20 11.11 -10.71
C GLY F 17 18.00 11.29 -9.45
N SER F 18 18.89 12.30 -9.45
CA SER F 18 19.75 12.63 -8.31
C SER F 18 18.93 12.87 -7.04
N ASP F 19 17.61 12.92 -7.21
CA ASP F 19 16.66 13.08 -6.12
C ASP F 19 16.82 11.85 -5.23
N GLY F 20 17.34 10.78 -5.84
CA GLY F 20 17.53 9.52 -5.15
C GLY F 20 16.32 8.66 -5.45
N GLU F 21 15.51 9.11 -6.41
CA GLU F 21 14.29 8.40 -6.78
C GLU F 21 14.16 8.12 -8.28
N THR F 22 13.33 7.13 -8.60
CA THR F 22 13.04 6.71 -9.97
C THR F 22 12.00 7.62 -10.60
N TYR F 23 12.31 8.16 -11.77
CA TYR F 23 11.40 9.03 -12.50
C TYR F 23 10.83 8.28 -13.70
N SER F 24 9.50 8.28 -13.83
CA SER F 24 8.82 7.60 -14.93
C SER F 24 9.50 7.75 -16.28
N ASN F 25 9.92 8.98 -16.60
CA ASN F 25 10.62 9.27 -17.85
C ASN F 25 11.37 10.57 -17.63
N PRO F 26 12.22 10.98 -18.58
CA PRO F 26 12.99 12.22 -18.44
C PRO F 26 12.15 13.50 -18.26
N CYS F 27 11.00 13.57 -18.92
CA CYS F 27 10.14 14.75 -18.81
C CYS F 27 9.65 14.94 -17.37
N THR F 28 9.09 13.90 -16.75
CA THR F 28 8.61 14.03 -15.37
C THR F 28 9.75 14.47 -14.47
N LEU F 29 10.93 13.90 -14.66
CA LEU F 29 12.09 14.27 -13.86
C LEU F 29 12.24 15.77 -13.97
N ASN F 30 12.30 16.26 -15.20
CA ASN F 30 12.43 17.69 -15.46
C ASN F 30 11.32 18.52 -14.83
N CYS F 31 10.07 18.07 -14.92
CA CYS F 31 8.98 18.82 -14.32
C CYS F 31 9.12 18.95 -12.80
N ALA F 32 9.70 17.95 -12.15
CA ALA F 32 9.89 18.02 -10.69
C ALA F 32 11.06 18.93 -10.36
N LYS F 33 12.09 18.84 -11.19
CA LYS F 33 13.30 19.66 -11.06
C LYS F 33 12.91 21.13 -11.03
N PHE F 34 11.77 21.44 -11.66
CA PHE F 34 11.27 22.80 -11.66
C PHE F 34 10.39 22.95 -10.43
N ASN F 35 9.26 22.25 -10.42
CA ASN F 35 8.34 22.31 -9.31
C ASN F 35 8.94 21.52 -8.14
N GLY F 36 9.96 22.10 -7.49
CA GLY F 36 10.57 21.44 -6.37
C GLY F 36 12.08 21.57 -6.29
N LYS F 37 12.79 20.62 -6.90
CA LYS F 37 14.27 20.58 -6.87
C LYS F 37 14.94 21.21 -8.07
N PRO F 38 15.25 22.52 -8.01
CA PRO F 38 15.90 23.25 -9.10
C PRO F 38 17.26 22.70 -9.52
N GLU F 39 17.84 21.87 -8.66
CA GLU F 39 19.15 21.25 -8.90
C GLU F 39 19.09 19.73 -9.17
N LEU F 40 17.88 19.21 -9.36
CA LEU F 40 17.68 17.78 -9.64
C LEU F 40 18.26 17.48 -11.01
N VAL F 41 19.03 16.40 -11.11
CA VAL F 41 19.63 16.01 -12.37
C VAL F 41 19.64 14.50 -12.54
N LYS F 42 19.55 14.05 -13.78
CA LYS F 42 19.55 12.63 -14.10
C LYS F 42 20.97 12.10 -13.97
N VAL F 43 21.11 11.00 -13.24
CA VAL F 43 22.40 10.38 -13.04
C VAL F 43 22.56 9.17 -13.98
N HIS F 44 21.55 8.29 -13.98
CA HIS F 44 21.58 7.09 -14.82
C HIS F 44 20.17 6.70 -15.26
N ASP F 45 20.07 5.77 -16.19
CA ASP F 45 18.78 5.29 -16.68
C ASP F 45 18.33 4.12 -15.79
N GLY F 46 17.17 3.55 -16.09
CA GLY F 46 16.68 2.43 -15.29
C GLY F 46 16.31 2.97 -13.92
N PRO F 47 15.50 2.25 -13.14
CA PRO F 47 15.12 2.75 -11.81
C PRO F 47 16.33 2.90 -10.91
N CYS F 48 16.23 3.77 -9.91
CA CYS F 48 17.34 3.97 -9.00
C CYS F 48 17.66 2.65 -8.29
N GLU F 49 16.61 1.93 -7.88
CA GLU F 49 16.79 0.62 -7.24
C GLU F 49 16.03 -0.40 -8.11
N PRO F 50 16.73 -1.46 -8.58
CA PRO F 50 16.14 -2.51 -9.41
C PRO F 50 14.79 -3.03 -8.91
N ASP F 51 13.96 -3.45 -9.85
CA ASP F 51 12.63 -3.96 -9.54
C ASP F 51 12.65 -5.35 -8.89
N GLU F 52 11.84 -5.53 -7.86
CA GLU F 52 11.76 -6.81 -7.16
C GLU F 52 11.19 -7.79 -8.19
N ASP F 53 12.01 -8.72 -8.64
CA ASP F 53 11.61 -9.71 -9.64
C ASP F 53 10.92 -10.95 -9.10
N GLU F 54 9.67 -11.17 -9.53
CA GLU F 54 8.92 -12.33 -9.11
C GLU F 54 9.21 -13.44 -10.10
N ASP F 55 8.48 -14.54 -9.97
CA ASP F 55 8.63 -15.67 -10.85
C ASP F 55 7.72 -15.46 -12.07
N VAL F 56 8.29 -14.82 -13.08
CA VAL F 56 7.61 -14.53 -14.33
C VAL F 56 7.09 -15.82 -15.00
N CYS F 57 7.98 -16.80 -15.15
CA CYS F 57 7.68 -18.08 -15.80
C CYS F 57 6.92 -19.08 -14.92
N GLN F 58 6.60 -18.67 -13.70
CA GLN F 58 5.88 -19.47 -12.72
C GLN F 58 4.80 -20.43 -13.23
N GLU F 59 4.15 -20.12 -14.35
CA GLU F 59 3.08 -21.00 -14.87
C GLU F 59 3.56 -22.23 -15.61
N CYS F 60 4.84 -22.22 -15.97
CA CYS F 60 5.46 -23.34 -16.65
C CYS F 60 5.80 -24.46 -15.64
N ASP F 61 5.73 -24.14 -14.35
CA ASP F 61 6.02 -25.08 -13.27
C ASP F 61 5.15 -26.33 -13.35
N GLY F 62 5.83 -27.48 -13.31
CA GLY F 62 5.14 -28.77 -13.36
C GLY F 62 4.94 -29.29 -14.76
N ASP F 63 5.44 -28.56 -15.76
CA ASP F 63 5.30 -28.97 -17.15
C ASP F 63 6.21 -30.13 -17.53
N GLU F 64 5.70 -30.98 -18.41
CA GLU F 64 6.40 -32.17 -18.89
C GLU F 64 7.70 -31.81 -19.62
N TYR F 65 8.74 -32.62 -19.42
CA TYR F 65 10.01 -32.40 -20.08
C TYR F 65 9.99 -32.85 -21.55
N LYS F 66 9.92 -31.89 -22.46
CA LYS F 66 9.92 -32.11 -23.92
C LYS F 66 10.85 -31.03 -24.41
N PRO F 67 12.16 -31.25 -24.31
CA PRO F 67 13.16 -30.26 -24.73
C PRO F 67 13.01 -29.70 -26.14
N VAL F 68 13.33 -28.43 -26.27
CA VAL F 68 13.25 -27.76 -27.56
C VAL F 68 14.49 -26.87 -27.66
N CYS F 69 14.99 -26.69 -28.87
CA CYS F 69 16.19 -25.89 -29.11
C CYS F 69 15.81 -24.56 -29.72
N GLY F 70 16.14 -23.47 -29.03
CA GLY F 70 15.80 -22.16 -29.52
C GLY F 70 16.90 -21.52 -30.34
N SER F 71 16.56 -20.43 -31.01
CA SER F 71 17.49 -19.66 -31.85
C SER F 71 18.75 -19.18 -31.13
N ASP F 72 18.77 -19.24 -29.79
CA ASP F 72 19.92 -18.81 -29.01
C ASP F 72 20.90 -19.93 -28.68
N ASP F 73 20.63 -21.12 -29.23
CA ASP F 73 21.42 -22.34 -29.02
C ASP F 73 21.41 -22.71 -27.56
N ILE F 74 20.21 -22.70 -27.02
CA ILE F 74 19.96 -23.02 -25.66
C ILE F 74 18.80 -23.99 -25.72
N THR F 75 18.92 -25.05 -24.92
CA THR F 75 17.91 -26.08 -24.83
C THR F 75 16.94 -25.64 -23.73
N TYR F 76 15.66 -25.83 -23.97
CA TYR F 76 14.65 -25.48 -23.00
C TYR F 76 13.92 -26.77 -22.68
N ASP F 77 13.53 -26.93 -21.43
CA ASP F 77 12.83 -28.13 -21.00
C ASP F 77 11.56 -28.38 -21.78
N ASN F 78 10.89 -27.31 -22.19
CA ASN F 78 9.64 -27.40 -22.95
C ASN F 78 9.31 -26.07 -23.61
N ASN F 79 8.19 -26.02 -24.33
CA ASN F 79 7.79 -24.79 -25.02
C ASN F 79 7.56 -23.66 -24.05
N CYS F 80 6.75 -23.90 -23.02
CA CYS F 80 6.44 -22.88 -22.02
C CYS F 80 7.67 -22.12 -21.58
N ARG F 81 8.77 -22.83 -21.42
CA ARG F 81 10.00 -22.20 -21.01
C ARG F 81 10.58 -21.31 -22.09
N LEU F 82 10.51 -21.77 -23.35
CA LEU F 82 10.99 -21.02 -24.51
C LEU F 82 10.23 -19.69 -24.59
N GLU F 83 8.89 -19.78 -24.68
CA GLU F 83 8.02 -18.60 -24.74
C GLU F 83 8.32 -17.62 -23.63
N CYS F 84 8.44 -18.13 -22.42
CA CYS F 84 8.71 -17.28 -21.28
C CYS F 84 10.04 -16.56 -21.37
N ALA F 85 11.05 -17.22 -21.91
CA ALA F 85 12.36 -16.60 -22.02
C ALA F 85 12.39 -15.48 -23.03
N SER F 86 11.53 -15.56 -24.05
CA SER F 86 11.48 -14.53 -25.09
C SER F 86 11.11 -13.18 -24.52
N ILE F 87 10.45 -13.15 -23.37
CA ILE F 87 10.12 -11.89 -22.73
C ILE F 87 10.84 -11.78 -21.39
N SER F 88 12.00 -12.43 -21.29
CA SER F 88 12.78 -12.38 -20.06
C SER F 88 14.26 -12.70 -20.29
N SER F 89 14.69 -13.89 -19.94
CA SER F 89 16.12 -14.26 -20.09
C SER F 89 16.70 -14.23 -21.49
N SER F 90 15.86 -14.33 -22.50
CA SER F 90 16.35 -14.31 -23.87
C SER F 90 15.29 -13.68 -24.77
N PRO F 91 15.19 -12.34 -24.72
CA PRO F 91 14.20 -11.61 -25.52
C PRO F 91 14.16 -11.98 -27.00
N GLY F 92 12.95 -12.31 -27.45
CA GLY F 92 12.72 -12.67 -28.84
C GLY F 92 13.19 -14.06 -29.25
N VAL F 93 13.54 -14.91 -28.30
CA VAL F 93 14.00 -16.25 -28.63
C VAL F 93 12.86 -17.00 -29.30
N GLU F 94 13.17 -17.78 -30.32
CA GLU F 94 12.14 -18.52 -31.03
C GLU F 94 12.61 -19.95 -31.26
N LEU F 95 11.67 -20.85 -31.55
CA LEU F 95 11.97 -22.26 -31.80
C LEU F 95 12.80 -22.46 -33.07
N LYS F 96 13.90 -23.18 -32.92
CA LYS F 96 14.81 -23.52 -34.00
C LYS F 96 14.49 -24.96 -34.41
N HIS F 97 14.72 -25.92 -33.50
CA HIS F 97 14.39 -27.31 -33.77
C HIS F 97 13.93 -28.01 -32.49
N GLU F 98 13.20 -29.12 -32.65
CA GLU F 98 12.71 -29.88 -31.51
C GLU F 98 13.82 -30.74 -30.94
N GLY F 99 13.70 -31.07 -29.66
CA GLY F 99 14.72 -31.87 -29.01
C GLY F 99 15.88 -30.99 -28.60
N PRO F 100 16.86 -31.55 -27.90
CA PRO F 100 18.03 -30.81 -27.44
C PRO F 100 18.74 -30.11 -28.58
N CYS F 101 19.53 -29.11 -28.23
CA CYS F 101 20.29 -28.43 -29.25
C CYS F 101 21.42 -29.35 -29.58
N ARG F 102 21.34 -29.93 -30.78
CA ARG F 102 22.38 -30.85 -31.26
C ARG F 102 23.64 -29.99 -31.53
N THR F 103 24.41 -29.72 -30.49
CA THR F 103 25.62 -28.93 -30.61
C THR F 103 26.78 -29.68 -29.97
#